data_4H82
#
_entry.id   4H82
#
_cell.length_a   39.900
_cell.length_b   98.860
_cell.length_c   47.130
_cell.angle_alpha   90.03
_cell.angle_beta   111.95
_cell.angle_gamma   89.98
#
_symmetry.space_group_name_H-M   'P 1'
#
loop_
_entity.id
_entity.type
_entity.pdbx_description
1 polymer 'Matrix metalloproteinase-9'
2 non-polymer 'ZINC ION'
3 non-polymer 'CALCIUM ION'
4 non-polymer "N,N'-bis(2-{(biphenyl-4-ylsulfonyl)[(2R)-1-(hydroxyamino)-3-methyl-1-oxobutan-2-yl]amino}ethyl)benzene-1,3-dicarboxamide (non-preferred name)"
5 non-polymer DI(HYDROXYETHYL)ETHER
6 non-polymer 'PROPANOIC ACID'
7 non-polymer GLYCEROL
8 non-polymer S-1,2-PROPANEDIOL
9 water water
#
_entity_poly.entity_id   1
_entity_poly.type   'polypeptide(L)'
_entity_poly.pdbx_seq_one_letter_code
;FEGDLKWHHHNITYWIQNYSEDLPRAVIDDAFARAFALWSAVTPLTFTRVYSRDADIVIQFGVAEHGDGYPFDGKDGLLA
HAFPPGPGIQGDAHFDDDELWSLGKGQGYSLFLVAAHQFGHALGLDHSSVPEALMYPMYRFTEGPPLHKDDVNGIRHLYG
;
_entity_poly.pdbx_strand_id   A,B,C,D
#
# COMPACT_ATOMS: atom_id res chain seq x y z
N PHE A 1 0.22 -17.60 33.41
CA PHE A 1 -0.53 -18.81 33.74
C PHE A 1 -1.56 -18.56 34.84
N GLU A 2 -2.54 -19.45 34.97
N GLU A 2 -2.50 -19.47 35.00
CA GLU A 2 -3.61 -19.29 35.96
CA GLU A 2 -3.59 -19.30 35.95
C GLU A 2 -3.03 -19.28 37.37
C GLU A 2 -3.09 -19.31 37.39
N GLY A 3 -3.23 -18.18 38.08
CA GLY A 3 -2.68 -18.03 39.42
C GLY A 3 -1.22 -17.60 39.39
N ASP A 4 -0.76 -17.11 38.24
CA ASP A 4 0.55 -16.46 38.11
C ASP A 4 1.76 -17.33 38.48
N LEU A 5 1.83 -18.52 37.90
CA LEU A 5 2.96 -19.41 38.17
C LEU A 5 4.30 -18.76 37.84
N LYS A 6 5.27 -18.99 38.72
CA LYS A 6 6.60 -18.44 38.59
C LYS A 6 7.57 -19.22 39.47
N TRP A 7 8.85 -19.16 39.13
CA TRP A 7 9.86 -19.85 39.91
C TRP A 7 10.05 -19.19 41.27
N HIS A 8 10.41 -20.00 42.25
CA HIS A 8 10.64 -19.49 43.60
C HIS A 8 12.09 -19.66 44.03
N HIS A 9 12.96 -19.84 43.03
CA HIS A 9 14.40 -19.75 43.21
C HIS A 9 15.05 -19.18 41.94
N HIS A 10 16.30 -18.72 42.04
CA HIS A 10 16.92 -17.96 40.97
C HIS A 10 17.93 -18.72 40.10
N ASN A 11 18.37 -19.89 40.54
CA ASN A 11 19.29 -20.67 39.73
C ASN A 11 18.59 -21.81 38.99
N ILE A 12 17.88 -21.48 37.92
CA ILE A 12 17.14 -22.47 37.16
C ILE A 12 18.10 -23.33 36.33
N THR A 13 18.17 -24.61 36.65
CA THR A 13 19.07 -25.50 35.93
C THR A 13 18.35 -26.22 34.81
N TYR A 14 19.09 -26.55 33.76
CA TYR A 14 18.50 -27.30 32.65
C TYR A 14 19.31 -28.53 32.32
N TRP A 15 18.61 -29.57 31.91
CA TRP A 15 19.24 -30.81 31.51
C TRP A 15 18.73 -31.10 30.11
N ILE A 16 19.64 -31.44 29.22
CA ILE A 16 19.27 -31.85 27.88
C ILE A 16 19.32 -33.38 27.78
N GLN A 17 18.15 -34.01 27.78
CA GLN A 17 18.05 -35.45 27.82
C GLN A 17 18.55 -36.08 26.52
N ASN A 18 18.37 -35.37 25.42
CA ASN A 18 18.85 -35.87 24.15
C ASN A 18 19.00 -34.77 23.13
N TYR A 19 19.46 -35.14 21.95
CA TYR A 19 19.73 -34.18 20.89
C TYR A 19 19.13 -34.66 19.57
N SER A 20 18.70 -33.72 18.75
CA SER A 20 18.16 -34.03 17.45
C SER A 20 19.33 -34.37 16.57
N GLU A 21 19.07 -35.02 15.45
CA GLU A 21 20.15 -35.39 14.56
C GLU A 21 20.25 -34.44 13.37
N ASP A 22 19.47 -33.35 13.42
CA ASP A 22 19.48 -32.33 12.38
C ASP A 22 20.71 -31.43 12.49
N LEU A 23 21.07 -31.09 13.72
CA LEU A 23 22.21 -30.22 13.98
C LEU A 23 23.30 -30.99 14.73
N PRO A 24 24.53 -30.44 14.77
CA PRO A 24 25.53 -31.13 15.59
C PRO A 24 25.13 -30.95 17.03
N ARG A 25 25.60 -31.82 17.92
CA ARG A 25 25.21 -31.77 19.32
C ARG A 25 25.52 -30.41 19.93
N ALA A 26 26.65 -29.83 19.53
CA ALA A 26 27.13 -28.61 20.20
C ALA A 26 26.50 -27.34 19.66
N VAL A 27 26.01 -27.40 18.43
CA VAL A 27 25.27 -26.29 17.88
C VAL A 27 24.01 -26.12 18.72
N ILE A 28 23.33 -27.24 18.92
CA ILE A 28 22.13 -27.27 19.73
C ILE A 28 22.43 -26.81 21.15
N ASP A 29 23.58 -27.22 21.68
CA ASP A 29 24.04 -26.76 22.99
C ASP A 29 24.00 -25.23 23.08
N ASP A 30 24.68 -24.59 22.14
CA ASP A 30 24.77 -23.14 22.06
C ASP A 30 23.38 -22.54 21.82
N ALA A 31 22.66 -23.10 20.85
CA ALA A 31 21.31 -22.63 20.51
C ALA A 31 20.40 -22.48 21.73
N PHE A 32 20.56 -23.35 22.72
CA PHE A 32 19.78 -23.28 23.96
C PHE A 32 20.36 -22.25 24.90
N ALA A 33 21.68 -22.21 24.95
CA ALA A 33 22.39 -21.30 25.84
C ALA A 33 21.95 -19.87 25.58
N ARG A 34 22.02 -19.48 24.31
CA ARG A 34 21.67 -18.14 23.87
C ARG A 34 20.19 -17.83 24.14
N ALA A 35 19.35 -18.86 24.18
CA ALA A 35 17.92 -18.67 24.40
C ALA A 35 17.66 -18.29 25.84
N PHE A 36 18.44 -18.87 26.76
CA PHE A 36 18.36 -18.54 28.18
C PHE A 36 18.90 -17.14 28.43
N ALA A 37 20.05 -16.85 27.83
CA ALA A 37 20.71 -15.56 27.94
C ALA A 37 19.80 -14.43 27.51
N LEU A 38 18.89 -14.74 26.59
CA LEU A 38 17.80 -13.82 26.26
C LEU A 38 16.96 -13.50 27.49
N TRP A 39 16.84 -14.45 28.42
CA TRP A 39 15.97 -14.28 29.59
C TRP A 39 16.74 -13.96 30.85
N SER A 40 17.97 -14.45 30.92
CA SER A 40 18.81 -14.16 32.08
C SER A 40 19.00 -12.66 32.19
N ALA A 41 19.14 -12.02 31.04
CA ALA A 41 19.43 -10.59 30.98
C ALA A 41 18.31 -9.75 31.56
N VAL A 42 17.08 -10.22 31.43
CA VAL A 42 15.94 -9.40 31.82
C VAL A 42 15.28 -9.90 33.12
N THR A 43 15.86 -10.95 33.71
CA THR A 43 15.33 -11.56 34.93
C THR A 43 16.29 -11.53 36.10
N PRO A 44 15.77 -11.67 37.33
CA PRO A 44 16.66 -11.92 38.46
C PRO A 44 17.04 -13.40 38.55
N LEU A 45 16.91 -14.12 37.44
CA LEU A 45 17.19 -15.55 37.42
C LEU A 45 18.46 -15.79 36.64
N THR A 46 19.12 -16.89 36.96
CA THR A 46 20.32 -17.31 36.24
C THR A 46 20.08 -18.73 35.75
N PHE A 47 20.73 -19.12 34.66
CA PHE A 47 20.46 -20.44 34.07
C PHE A 47 21.69 -21.32 33.97
N THR A 48 21.60 -22.50 34.60
CA THR A 48 22.75 -23.37 34.79
C THR A 48 22.57 -24.71 34.11
N ARG A 49 23.41 -25.00 33.13
CA ARG A 49 23.35 -26.33 32.53
C ARG A 49 23.85 -27.34 33.53
N VAL A 50 23.13 -28.44 33.65
CA VAL A 50 23.51 -29.51 34.53
C VAL A 50 23.32 -30.82 33.84
N TYR A 51 23.78 -31.87 34.52
CA TYR A 51 23.67 -33.23 34.04
C TYR A 51 23.06 -34.05 35.16
N SER A 52 21.74 -33.96 35.27
CA SER A 52 20.98 -34.52 36.38
C SER A 52 19.49 -34.38 36.07
N ARG A 53 18.75 -35.46 36.28
CA ARG A 53 17.31 -35.43 36.07
C ARG A 53 16.54 -34.73 37.20
N ASP A 54 17.24 -34.11 38.15
CA ASP A 54 16.55 -33.30 39.14
C ASP A 54 16.58 -31.84 38.71
N ALA A 55 17.00 -31.61 37.47
CA ALA A 55 17.04 -30.27 36.88
C ALA A 55 15.65 -29.66 36.80
N ASP A 56 15.57 -28.34 36.94
CA ASP A 56 14.29 -27.62 36.84
C ASP A 56 13.68 -27.75 35.45
N ILE A 57 14.33 -27.16 34.44
CA ILE A 57 13.84 -27.25 33.06
C ILE A 57 14.54 -28.42 32.37
N VAL A 58 13.84 -29.54 32.23
CA VAL A 58 14.40 -30.68 31.53
C VAL A 58 14.01 -30.56 30.07
N ILE A 59 14.96 -30.79 29.18
CA ILE A 59 14.73 -30.56 27.76
C ILE A 59 14.92 -31.82 26.93
N GLN A 60 14.01 -32.07 25.99
CA GLN A 60 14.14 -33.21 25.09
C GLN A 60 13.55 -32.98 23.71
N PHE A 61 14.02 -33.77 22.75
CA PHE A 61 13.40 -33.85 21.44
C PHE A 61 12.55 -35.11 21.37
N GLY A 62 11.55 -35.13 20.49
CA GLY A 62 10.66 -36.28 20.45
C GLY A 62 9.59 -36.26 19.39
N VAL A 63 9.30 -37.44 18.83
CA VAL A 63 8.26 -37.54 17.80
C VAL A 63 6.97 -38.18 18.36
N ALA A 64 5.84 -37.65 17.91
CA ALA A 64 4.51 -38.09 18.33
C ALA A 64 4.36 -38.26 19.85
N GLU A 65 3.77 -39.39 20.24
CA GLU A 65 3.66 -39.76 21.64
C GLU A 65 5.05 -39.84 22.25
N HIS A 66 5.28 -39.11 23.34
CA HIS A 66 6.63 -39.05 23.92
C HIS A 66 6.71 -39.07 25.45
N GLY A 67 5.55 -39.15 26.11
CA GLY A 67 5.54 -39.32 27.55
C GLY A 67 4.38 -38.68 28.28
N ASP A 68 4.21 -37.38 28.07
CA ASP A 68 3.23 -36.61 28.83
C ASP A 68 1.79 -36.85 28.40
N GLY A 69 1.60 -37.73 27.42
CA GLY A 69 0.27 -37.98 26.88
C GLY A 69 -0.23 -36.81 26.05
N TYR A 70 0.67 -35.88 25.76
CA TYR A 70 0.37 -34.74 24.89
C TYR A 70 1.17 -34.92 23.62
N PRO A 71 0.75 -35.87 22.76
CA PRO A 71 1.58 -36.22 21.61
C PRO A 71 1.72 -35.11 20.58
N PHE A 72 2.85 -35.12 19.87
CA PHE A 72 3.03 -34.18 18.78
C PHE A 72 2.20 -34.67 17.58
N ASP A 73 2.43 -34.15 16.38
CA ASP A 73 1.51 -34.40 15.28
C ASP A 73 2.12 -34.48 13.89
N GLY A 74 3.40 -34.81 13.78
CA GLY A 74 4.03 -34.90 12.48
C GLY A 74 4.67 -33.63 11.99
N LYS A 75 4.93 -33.56 10.69
CA LYS A 75 5.54 -32.39 10.06
C LYS A 75 4.67 -31.15 10.25
N ASP A 76 5.29 -30.03 10.56
CA ASP A 76 4.57 -28.76 10.74
C ASP A 76 3.62 -28.81 11.94
N GLY A 77 2.92 -27.71 12.18
CA GLY A 77 1.85 -27.63 13.18
C GLY A 77 2.26 -27.34 14.61
N LEU A 78 2.27 -28.37 15.43
CA LEU A 78 2.89 -28.29 16.73
C LEU A 78 4.39 -28.26 16.50
N LEU A 79 5.05 -27.21 16.98
CA LEU A 79 6.49 -27.12 16.85
C LEU A 79 7.15 -27.66 18.10
N ALA A 80 6.59 -27.31 19.25
CA ALA A 80 7.19 -27.67 20.51
C ALA A 80 6.20 -27.23 21.55
N HIS A 81 6.33 -27.78 22.76
CA HIS A 81 5.50 -27.28 23.86
C HIS A 81 6.22 -27.27 25.22
N ALA A 82 5.86 -26.32 26.07
CA ALA A 82 6.55 -26.20 27.34
C ALA A 82 5.56 -26.07 28.49
N PHE A 83 5.91 -26.65 29.63
CA PHE A 83 5.01 -26.65 30.80
C PHE A 83 5.38 -25.56 31.78
N PRO A 84 4.38 -25.07 32.53
CA PRO A 84 4.57 -23.99 33.50
C PRO A 84 5.68 -24.25 34.50
N PRO A 85 6.05 -23.23 35.26
CA PRO A 85 6.99 -23.43 36.36
C PRO A 85 6.36 -24.22 37.51
N GLY A 86 7.02 -25.32 37.86
CA GLY A 86 6.64 -26.13 39.00
C GLY A 86 7.48 -27.39 38.98
N PRO A 87 7.19 -28.32 39.91
CA PRO A 87 7.88 -29.61 40.07
C PRO A 87 7.64 -30.55 38.91
N GLY A 88 8.55 -31.52 38.74
CA GLY A 88 8.37 -32.53 37.73
C GLY A 88 8.31 -31.93 36.34
N ILE A 89 7.52 -32.55 35.46
CA ILE A 89 7.36 -32.14 34.07
C ILE A 89 7.09 -30.64 33.88
N GLN A 90 6.59 -30.01 34.94
CA GLN A 90 6.43 -28.58 34.94
C GLN A 90 7.79 -27.91 34.77
N GLY A 91 7.89 -27.05 33.76
CA GLY A 91 9.11 -26.31 33.53
C GLY A 91 9.74 -26.81 32.25
N ASP A 92 9.48 -28.06 31.90
CA ASP A 92 10.18 -28.73 30.82
C ASP A 92 9.89 -28.14 29.45
N ALA A 93 10.47 -28.76 28.42
CA ALA A 93 10.25 -28.27 27.06
C ALA A 93 10.68 -29.34 26.07
N HIS A 94 9.81 -29.65 25.13
CA HIS A 94 10.06 -30.75 24.18
C HIS A 94 9.97 -30.19 22.78
N PHE A 95 10.69 -30.79 21.83
CA PHE A 95 10.72 -30.26 20.47
C PHE A 95 10.39 -31.38 19.51
N ASP A 96 9.46 -31.14 18.60
CA ASP A 96 8.98 -32.21 17.73
C ASP A 96 10.06 -32.60 16.76
N ASP A 97 10.68 -33.75 17.00
CA ASP A 97 11.78 -34.20 16.16
C ASP A 97 11.32 -34.50 14.74
N ASP A 98 10.03 -34.38 14.48
CA ASP A 98 9.55 -34.48 13.10
C ASP A 98 9.72 -33.14 12.39
N GLU A 99 9.91 -32.07 13.16
CA GLU A 99 10.21 -30.78 12.54
C GLU A 99 11.69 -30.74 12.25
N LEU A 100 12.06 -30.26 11.07
CA LEU A 100 13.47 -30.07 10.76
C LEU A 100 13.98 -28.91 11.58
N TRP A 101 14.98 -29.16 12.42
CA TRP A 101 15.52 -28.14 13.30
C TRP A 101 16.84 -27.59 12.81
N SER A 102 16.95 -26.28 12.72
CA SER A 102 18.19 -25.65 12.31
C SER A 102 18.30 -24.25 12.89
N LEU A 103 19.39 -23.58 12.57
CA LEU A 103 19.63 -22.20 12.99
C LEU A 103 19.25 -21.25 11.87
N GLY A 104 19.14 -19.98 12.20
CA GLY A 104 18.61 -19.00 11.28
C GLY A 104 19.42 -18.90 10.00
N LYS A 105 18.69 -18.74 8.90
CA LYS A 105 19.18 -18.79 7.52
C LYS A 105 19.00 -20.18 6.94
N GLY A 106 18.73 -21.14 7.81
CA GLY A 106 18.41 -22.50 7.41
C GLY A 106 17.00 -22.57 6.87
N GLN A 107 16.70 -23.62 6.12
CA GLN A 107 15.34 -23.88 5.66
C GLN A 107 14.33 -24.19 6.80
N GLY A 108 14.78 -24.97 7.79
CA GLY A 108 13.92 -25.50 8.82
C GLY A 108 13.52 -24.45 9.84
N TYR A 109 12.97 -24.91 10.95
CA TYR A 109 12.56 -24.02 12.02
C TYR A 109 13.77 -23.65 12.85
N SER A 110 13.79 -22.40 13.32
CA SER A 110 14.91 -21.96 14.16
C SER A 110 14.78 -22.60 15.51
N LEU A 111 15.72 -23.46 15.86
CA LEU A 111 15.70 -24.06 17.18
C LEU A 111 15.91 -22.99 18.24
N PHE A 112 16.66 -21.94 17.90
CA PHE A 112 16.88 -20.85 18.84
C PHE A 112 15.61 -20.05 19.02
N LEU A 113 14.99 -19.64 17.91
CA LEU A 113 13.73 -18.90 17.99
C LEU A 113 12.62 -19.70 18.67
N VAL A 114 12.51 -20.99 18.37
CA VAL A 114 11.50 -21.83 19.04
C VAL A 114 11.89 -22.11 20.52
N ALA A 115 13.18 -22.27 20.79
CA ALA A 115 13.65 -22.40 22.17
C ALA A 115 13.40 -21.13 22.97
N ALA A 116 13.54 -19.99 22.31
CA ALA A 116 13.31 -18.72 22.98
C ALA A 116 11.88 -18.71 23.53
N HIS A 117 10.93 -19.00 22.66
CA HIS A 117 9.51 -19.03 23.00
C HIS A 117 9.17 -20.04 24.12
N GLN A 118 9.64 -21.28 23.97
CA GLN A 118 9.41 -22.33 24.98
C GLN A 118 9.86 -21.95 26.38
N PHE A 119 11.00 -21.27 26.46
CA PHE A 119 11.58 -20.98 27.79
C PHE A 119 10.79 -19.91 28.53
N GLY A 120 10.08 -19.08 27.77
CA GLY A 120 9.22 -18.06 28.31
C GLY A 120 8.03 -18.68 29.00
N HIS A 121 7.45 -19.71 28.39
CA HIS A 121 6.44 -20.51 29.07
C HIS A 121 6.96 -21.16 30.36
N ALA A 122 8.14 -21.76 30.29
CA ALA A 122 8.81 -22.36 31.45
C ALA A 122 9.06 -21.37 32.59
N LEU A 123 9.01 -20.08 32.29
CA LEU A 123 9.24 -19.05 33.28
C LEU A 123 7.94 -18.49 33.82
N GLY A 124 6.84 -18.91 33.20
CA GLY A 124 5.52 -18.45 33.57
C GLY A 124 4.81 -17.50 32.62
N LEU A 125 5.40 -17.29 31.45
CA LEU A 125 4.77 -16.47 30.43
C LEU A 125 3.83 -17.27 29.53
N ASP A 126 2.61 -16.78 29.40
CA ASP A 126 1.68 -17.30 28.40
C ASP A 126 1.81 -16.48 27.13
N HIS A 127 0.79 -16.55 26.30
CA HIS A 127 0.90 -15.98 24.97
C HIS A 127 0.49 -14.54 24.97
N SER A 128 0.98 -13.81 23.99
CA SER A 128 0.80 -12.38 23.94
C SER A 128 -0.04 -11.95 22.76
N SER A 129 -0.89 -10.96 23.00
CA SER A 129 -1.74 -10.33 22.00
C SER A 129 -0.98 -9.56 20.91
N VAL A 130 0.26 -9.17 21.19
CA VAL A 130 1.09 -8.39 20.31
C VAL A 130 1.77 -9.23 19.24
N PRO A 131 1.34 -9.09 17.97
CA PRO A 131 1.78 -10.00 16.89
C PRO A 131 3.26 -9.90 16.57
N GLU A 132 3.92 -8.91 17.17
N GLU A 132 3.94 -8.93 17.18
CA GLU A 132 5.32 -8.61 16.90
CA GLU A 132 5.35 -8.68 16.88
C GLU A 132 6.24 -9.35 17.88
C GLU A 132 6.25 -9.36 17.89
N ALA A 133 5.65 -9.83 18.97
CA ALA A 133 6.42 -10.38 20.08
C ALA A 133 6.87 -11.81 19.90
N LEU A 134 7.52 -12.31 20.96
CA LEU A 134 8.10 -13.66 20.96
C LEU A 134 7.07 -14.66 21.41
N MET A 135 6.24 -14.25 22.37
CA MET A 135 5.23 -15.14 22.91
C MET A 135 3.97 -15.12 22.06
N TYR A 136 3.96 -14.29 21.02
CA TYR A 136 2.90 -14.42 20.02
C TYR A 136 3.01 -15.82 19.42
N PRO A 137 1.93 -16.61 19.51
CA PRO A 137 1.87 -18.00 19.07
C PRO A 137 1.79 -18.17 17.57
N MET A 138 2.66 -17.47 16.84
CA MET A 138 2.84 -17.76 15.43
C MET A 138 4.28 -17.53 15.05
N TYR A 139 4.96 -18.62 14.71
CA TYR A 139 6.37 -18.55 14.34
C TYR A 139 6.63 -17.89 12.99
N ARG A 140 7.08 -16.64 13.06
N ARG A 140 7.11 -16.65 13.05
CA ARG A 140 7.61 -15.93 11.91
CA ARG A 140 7.57 -15.93 11.86
C ARG A 140 9.11 -15.86 12.13
C ARG A 140 9.06 -15.68 12.03
N PHE A 141 9.87 -16.21 11.10
CA PHE A 141 11.31 -16.13 11.21
C PHE A 141 11.77 -14.68 11.34
N THR A 142 12.76 -14.45 12.20
CA THR A 142 13.27 -13.09 12.38
C THR A 142 14.76 -13.06 12.67
N GLU A 143 15.45 -12.12 12.01
CA GLU A 143 16.88 -11.93 12.21
C GLU A 143 17.16 -10.79 13.19
N GLY A 144 16.10 -10.09 13.60
CA GLY A 144 16.22 -9.03 14.58
C GLY A 144 16.10 -9.55 16.00
N PRO A 145 16.43 -8.72 16.98
CA PRO A 145 16.42 -9.14 18.38
C PRO A 145 15.03 -9.61 18.80
N PRO A 146 14.91 -10.87 19.21
CA PRO A 146 13.61 -11.56 19.32
C PRO A 146 12.71 -11.02 20.43
N LEU A 147 13.27 -10.38 21.45
CA LEU A 147 12.45 -9.83 22.55
C LEU A 147 11.78 -8.52 22.14
N HIS A 148 10.70 -8.15 22.83
CA HIS A 148 9.96 -6.95 22.50
C HIS A 148 9.38 -6.46 23.80
N LYS A 149 8.84 -5.24 23.80
N LYS A 149 8.82 -5.25 23.80
CA LYS A 149 8.32 -4.62 25.01
CA LYS A 149 8.34 -4.61 25.02
C LYS A 149 7.42 -5.53 25.80
C LYS A 149 7.34 -5.45 25.80
N ASP A 150 6.57 -6.27 25.08
CA ASP A 150 5.54 -7.07 25.71
C ASP A 150 6.07 -8.33 26.42
N ASP A 151 7.11 -8.93 25.85
CA ASP A 151 7.71 -10.11 26.47
C ASP A 151 8.38 -9.68 27.76
N VAL A 152 9.05 -8.54 27.70
CA VAL A 152 9.75 -8.02 28.87
C VAL A 152 8.79 -7.51 29.95
N ASN A 153 7.72 -6.83 29.56
CA ASN A 153 6.74 -6.37 30.55
C ASN A 153 6.10 -7.56 31.26
N GLY A 154 5.97 -8.66 30.54
CA GLY A 154 5.38 -9.85 31.12
C GLY A 154 6.30 -10.36 32.20
N ILE A 155 7.56 -10.50 31.83
CA ILE A 155 8.55 -11.14 32.69
C ILE A 155 8.89 -10.27 33.88
N ARG A 156 8.61 -8.98 33.78
CA ARG A 156 8.87 -8.06 34.89
C ARG A 156 7.67 -8.05 35.83
N HIS A 157 6.50 -8.32 35.27
CA HIS A 157 5.31 -8.53 36.07
C HIS A 157 5.51 -9.74 37.00
N LEU A 158 6.27 -10.73 36.52
CA LEU A 158 6.52 -11.94 37.30
C LEU A 158 7.67 -11.79 38.32
N TYR A 159 8.89 -11.53 37.83
CA TYR A 159 10.05 -11.54 38.70
C TYR A 159 10.61 -10.16 39.02
N GLY A 160 9.78 -9.13 38.85
CA GLY A 160 10.19 -7.77 39.14
C GLY A 160 10.80 -7.09 37.93
N PHE B 1 -14.93 -8.88 23.84
CA PHE B 1 -14.59 -10.16 24.41
C PHE B 1 -14.46 -10.06 25.93
N GLU B 2 -13.53 -9.21 26.37
CA GLU B 2 -13.31 -8.93 27.77
C GLU B 2 -14.62 -8.33 28.31
N GLY B 3 -15.28 -7.56 27.45
CA GLY B 3 -16.58 -7.00 27.73
C GLY B 3 -17.71 -7.92 27.30
N ASP B 4 -17.35 -9.09 26.77
CA ASP B 4 -18.34 -10.04 26.28
C ASP B 4 -19.25 -9.47 25.19
N LEU B 5 -18.65 -8.88 24.17
CA LEU B 5 -19.39 -8.39 22.99
C LEU B 5 -20.25 -9.48 22.34
N LYS B 6 -21.45 -9.09 21.92
CA LYS B 6 -22.41 -9.96 21.27
C LYS B 6 -23.29 -9.10 20.40
N TRP B 7 -24.14 -9.76 19.61
CA TRP B 7 -25.14 -9.06 18.84
C TRP B 7 -26.26 -8.63 19.75
N HIS B 8 -26.98 -7.58 19.35
CA HIS B 8 -28.14 -7.12 20.09
C HIS B 8 -29.40 -7.13 19.22
N HIS B 9 -29.33 -7.90 18.14
CA HIS B 9 -30.49 -8.23 17.33
C HIS B 9 -30.33 -9.68 16.84
N HIS B 10 -31.42 -10.43 16.78
CA HIS B 10 -31.32 -11.88 16.55
C HIS B 10 -31.23 -12.27 15.08
N ASN B 11 -31.71 -11.43 14.18
CA ASN B 11 -31.70 -11.78 12.76
C ASN B 11 -30.52 -11.18 12.01
N ILE B 12 -29.37 -11.83 12.15
CA ILE B 12 -28.14 -11.38 11.51
C ILE B 12 -28.21 -11.52 10.00
N THR B 13 -27.66 -10.53 9.29
CA THR B 13 -27.54 -10.64 7.83
C THR B 13 -26.09 -10.83 7.40
N TYR B 14 -25.87 -11.29 6.17
CA TYR B 14 -24.49 -11.42 5.70
C TYR B 14 -24.36 -11.16 4.20
N TRP B 15 -23.22 -10.61 3.80
CA TRP B 15 -22.97 -10.31 2.40
C TRP B 15 -21.62 -10.90 2.00
N ILE B 16 -21.64 -11.77 0.99
CA ILE B 16 -20.41 -12.30 0.44
C ILE B 16 -19.90 -11.36 -0.63
N GLN B 17 -19.02 -10.45 -0.21
CA GLN B 17 -18.60 -9.33 -1.01
C GLN B 17 -17.87 -9.72 -2.29
N ASN B 18 -16.80 -10.49 -2.14
CA ASN B 18 -16.05 -10.95 -3.30
C ASN B 18 -15.64 -12.39 -3.14
N TYR B 19 -15.12 -12.96 -4.21
CA TYR B 19 -14.87 -14.38 -4.28
C TYR B 19 -13.41 -14.72 -4.58
N SER B 20 -12.93 -15.80 -3.97
CA SER B 20 -11.69 -16.41 -4.38
C SER B 20 -11.98 -17.16 -5.67
N GLU B 21 -10.93 -17.40 -6.45
CA GLU B 21 -11.08 -18.18 -7.67
C GLU B 21 -10.74 -19.63 -7.36
N ASP B 22 -10.53 -19.93 -6.08
CA ASP B 22 -10.16 -21.28 -5.68
C ASP B 22 -11.32 -22.26 -5.85
N LEU B 23 -12.54 -21.80 -5.62
CA LEU B 23 -13.72 -22.67 -5.69
C LEU B 23 -14.75 -22.11 -6.66
N PRO B 24 -15.83 -22.86 -6.90
CA PRO B 24 -16.94 -22.25 -7.62
C PRO B 24 -17.64 -21.24 -6.73
N ARG B 25 -18.25 -20.21 -7.32
CA ARG B 25 -19.03 -19.25 -6.55
C ARG B 25 -20.18 -19.96 -5.85
N ALA B 26 -20.74 -20.98 -6.50
CA ALA B 26 -21.87 -21.74 -5.99
C ALA B 26 -21.52 -22.69 -4.84
N VAL B 27 -20.28 -23.15 -4.82
CA VAL B 27 -19.77 -23.97 -3.73
C VAL B 27 -19.40 -23.06 -2.55
N ILE B 28 -18.78 -21.93 -2.84
CA ILE B 28 -18.39 -20.96 -1.83
C ILE B 28 -19.58 -20.45 -1.01
N ASP B 29 -20.63 -20.04 -1.71
CA ASP B 29 -21.85 -19.62 -1.00
C ASP B 29 -22.39 -20.75 -0.12
N ASP B 30 -22.41 -21.97 -0.66
CA ASP B 30 -22.92 -23.14 0.04
C ASP B 30 -22.02 -23.50 1.20
N ALA B 31 -20.71 -23.42 0.96
CA ALA B 31 -19.76 -23.68 2.03
C ALA B 31 -20.13 -22.72 3.14
N PHE B 32 -20.31 -21.46 2.77
CA PHE B 32 -20.59 -20.38 3.69
C PHE B 32 -21.88 -20.57 4.48
N ALA B 33 -22.94 -21.04 3.82
CA ALA B 33 -24.20 -21.20 4.53
C ALA B 33 -24.15 -22.41 5.45
N ARG B 34 -23.27 -23.35 5.15
CA ARG B 34 -23.15 -24.57 5.92
C ARG B 34 -22.37 -24.34 7.21
N ALA B 35 -21.77 -23.15 7.35
CA ALA B 35 -21.02 -22.79 8.54
C ALA B 35 -21.88 -21.94 9.46
N PHE B 36 -22.79 -21.18 8.84
CA PHE B 36 -23.87 -20.55 9.58
C PHE B 36 -24.84 -21.58 10.14
N ALA B 37 -24.91 -22.75 9.51
CA ALA B 37 -25.83 -23.80 9.96
C ALA B 37 -25.27 -24.54 11.19
N LEU B 38 -24.02 -24.28 11.53
CA LEU B 38 -23.51 -24.76 12.81
C LEU B 38 -23.93 -23.85 13.94
N TRP B 39 -24.07 -22.57 13.65
CA TRP B 39 -24.34 -21.61 14.72
C TRP B 39 -25.81 -21.22 14.79
N SER B 40 -26.56 -21.52 13.74
CA SER B 40 -27.98 -21.20 13.73
C SER B 40 -28.75 -22.13 14.64
N ALA B 41 -28.45 -23.42 14.56
CA ALA B 41 -29.10 -24.42 15.42
C ALA B 41 -28.96 -24.08 16.88
N VAL B 42 -27.73 -23.84 17.29
CA VAL B 42 -27.44 -23.78 18.71
C VAL B 42 -27.66 -22.40 19.34
N THR B 43 -28.16 -21.45 18.55
CA THR B 43 -28.39 -20.06 18.99
C THR B 43 -29.79 -19.53 18.67
N PRO B 44 -30.18 -18.41 19.31
CA PRO B 44 -31.42 -17.73 18.90
C PRO B 44 -31.33 -17.02 17.54
N LEU B 45 -30.24 -17.21 16.80
CA LEU B 45 -29.97 -16.35 15.64
C LEU B 45 -30.33 -16.98 14.31
N THR B 46 -30.82 -16.17 13.39
CA THR B 46 -30.91 -16.64 12.00
C THR B 46 -29.84 -15.94 11.18
N PHE B 47 -29.54 -16.46 10.00
CA PHE B 47 -28.45 -15.89 9.24
C PHE B 47 -28.91 -15.70 7.81
N THR B 48 -29.31 -14.49 7.49
CA THR B 48 -29.92 -14.22 6.20
C THR B 48 -28.93 -13.58 5.25
N ARG B 49 -28.73 -14.21 4.12
CA ARG B 49 -27.88 -13.63 3.11
C ARG B 49 -28.57 -12.44 2.50
N VAL B 50 -27.84 -11.33 2.40
CA VAL B 50 -28.29 -10.19 1.64
C VAL B 50 -27.25 -9.86 0.59
N TYR B 51 -27.51 -8.82 -0.17
CA TYR B 51 -26.56 -8.32 -1.14
C TYR B 51 -26.35 -6.84 -0.90
N SER B 52 -25.78 -6.51 0.26
CA SER B 52 -25.65 -5.12 0.66
C SER B 52 -24.47 -4.91 1.60
N ARG B 53 -23.84 -3.75 1.55
N ARG B 53 -23.90 -3.72 1.59
CA ARG B 53 -22.82 -3.37 2.52
CA ARG B 53 -22.81 -3.38 2.51
C ARG B 53 -23.39 -3.23 3.92
C ARG B 53 -23.36 -3.06 3.89
N ASP B 54 -24.67 -2.91 3.96
CA ASP B 54 -25.30 -2.61 5.24
C ASP B 54 -25.54 -3.92 6.02
N ALA B 55 -24.99 -5.01 5.48
CA ALA B 55 -25.04 -6.32 6.11
C ALA B 55 -24.27 -6.32 7.42
N ASP B 56 -24.68 -7.15 8.36
CA ASP B 56 -24.00 -7.27 9.64
C ASP B 56 -22.60 -7.88 9.53
N ILE B 57 -22.52 -9.06 8.95
CA ILE B 57 -21.25 -9.73 8.77
C ILE B 57 -20.87 -9.65 7.31
N VAL B 58 -19.81 -8.90 6.99
CA VAL B 58 -19.37 -8.77 5.62
C VAL B 58 -18.19 -9.69 5.37
N ILE B 59 -18.32 -10.58 4.40
CA ILE B 59 -17.28 -11.54 4.13
C ILE B 59 -16.49 -11.12 2.90
N GLN B 60 -15.19 -10.90 3.08
CA GLN B 60 -14.33 -10.56 1.95
C GLN B 60 -13.00 -11.31 1.97
N PHE B 61 -12.45 -11.56 0.80
CA PHE B 61 -11.13 -12.16 0.69
C PHE B 61 -10.13 -11.05 0.43
N GLY B 62 -8.90 -11.23 0.91
CA GLY B 62 -7.88 -10.21 0.74
C GLY B 62 -6.46 -10.64 1.03
N VAL B 63 -5.52 -10.02 0.32
CA VAL B 63 -4.10 -10.25 0.51
C VAL B 63 -3.43 -9.05 1.18
N ALA B 64 -2.40 -9.34 1.99
CA ALA B 64 -1.61 -8.32 2.66
C ALA B 64 -2.48 -7.28 3.36
N GLU B 65 -2.18 -6.01 3.14
CA GLU B 65 -2.98 -4.91 3.69
C GLU B 65 -4.25 -4.80 2.89
N HIS B 66 -5.40 -4.81 3.56
CA HIS B 66 -6.64 -4.97 2.80
C HIS B 66 -7.89 -4.28 3.37
N GLY B 67 -7.69 -3.20 4.12
CA GLY B 67 -8.79 -2.35 4.52
C GLY B 67 -9.04 -2.31 6.01
N ASP B 68 -8.69 -3.40 6.70
CA ASP B 68 -8.92 -3.48 8.14
C ASP B 68 -7.67 -3.17 8.99
N GLY B 69 -6.52 -3.02 8.34
CA GLY B 69 -5.29 -2.67 9.04
C GLY B 69 -4.74 -3.80 9.88
N TYR B 70 -5.07 -5.02 9.48
CA TYR B 70 -4.58 -6.23 10.14
C TYR B 70 -4.13 -7.13 9.03
N PRO B 71 -3.10 -6.71 8.31
CA PRO B 71 -2.71 -7.35 7.04
C PRO B 71 -2.44 -8.85 7.19
N PHE B 72 -2.44 -9.54 6.06
CA PHE B 72 -2.14 -10.96 6.07
C PHE B 72 -0.67 -11.16 5.70
N ASP B 73 -0.30 -12.38 5.30
CA ASP B 73 1.12 -12.77 5.27
C ASP B 73 1.51 -13.78 4.19
N GLY B 74 0.90 -13.71 3.01
CA GLY B 74 1.18 -14.70 2.00
C GLY B 74 0.64 -16.05 2.40
N LYS B 75 0.87 -17.07 1.59
CA LYS B 75 0.42 -18.43 1.89
C LYS B 75 0.86 -18.86 3.29
N ASP B 76 0.05 -19.68 3.95
CA ASP B 76 0.28 -20.17 5.32
C ASP B 76 0.29 -19.05 6.37
N GLY B 77 0.69 -19.40 7.58
CA GLY B 77 0.63 -18.48 8.70
C GLY B 77 -0.83 -18.15 9.01
N LEU B 78 -1.19 -16.89 8.79
CA LEU B 78 -2.58 -16.46 8.94
C LEU B 78 -3.47 -17.15 7.93
N LEU B 79 -4.61 -17.65 8.40
CA LEU B 79 -5.64 -18.14 7.49
C LEU B 79 -6.71 -17.07 7.25
N ALA B 80 -7.22 -16.48 8.34
CA ALA B 80 -8.29 -15.52 8.24
C ALA B 80 -8.45 -14.89 9.60
N HIS B 81 -9.39 -13.97 9.73
CA HIS B 81 -9.70 -13.42 11.06
C HIS B 81 -11.08 -12.76 11.11
N ALA B 82 -11.61 -12.54 12.32
CA ALA B 82 -12.90 -11.87 12.45
C ALA B 82 -12.92 -11.03 13.70
N PHE B 83 -13.87 -10.11 13.76
CA PHE B 83 -13.92 -9.10 14.79
C PHE B 83 -15.21 -9.29 15.56
N PRO B 84 -15.17 -9.09 16.89
CA PRO B 84 -16.36 -9.31 17.71
C PRO B 84 -17.51 -8.44 17.22
N PRO B 85 -18.76 -8.86 17.45
CA PRO B 85 -19.96 -8.12 17.04
C PRO B 85 -19.87 -6.62 17.32
N GLY B 86 -20.58 -5.85 16.51
CA GLY B 86 -20.59 -4.42 16.69
C GLY B 86 -20.85 -3.79 15.34
N PRO B 87 -20.75 -2.45 15.28
CA PRO B 87 -21.01 -1.70 14.05
C PRO B 87 -19.94 -1.89 13.00
N GLY B 88 -20.26 -1.57 11.75
CA GLY B 88 -19.28 -1.44 10.68
C GLY B 88 -18.41 -2.64 10.36
N ILE B 89 -17.12 -2.50 10.64
CA ILE B 89 -16.13 -3.56 10.45
C ILE B 89 -16.27 -4.67 11.49
N GLN B 90 -16.83 -4.35 12.65
CA GLN B 90 -17.05 -5.39 13.64
C GLN B 90 -18.01 -6.41 13.03
N GLY B 91 -17.87 -7.67 13.43
CA GLY B 91 -18.67 -8.73 12.85
C GLY B 91 -18.08 -9.23 11.54
N ASP B 92 -17.23 -8.43 10.91
CA ASP B 92 -16.74 -8.81 9.58
C ASP B 92 -15.76 -9.98 9.66
N ALA B 93 -15.61 -10.69 8.54
CA ALA B 93 -14.77 -11.89 8.47
C ALA B 93 -13.97 -11.85 7.18
N HIS B 94 -12.65 -11.86 7.30
CA HIS B 94 -11.80 -11.71 6.13
C HIS B 94 -10.94 -12.94 5.91
N PHE B 95 -10.90 -13.43 4.66
CA PHE B 95 -10.14 -14.63 4.29
C PHE B 95 -8.90 -14.31 3.46
N ASP B 96 -7.73 -14.61 4.02
CA ASP B 96 -6.49 -14.48 3.29
C ASP B 96 -6.59 -15.32 2.03
N ASP B 97 -6.67 -14.70 0.86
CA ASP B 97 -6.80 -15.44 -0.37
C ASP B 97 -5.47 -15.91 -0.97
N ASP B 98 -4.39 -15.69 -0.25
CA ASP B 98 -3.11 -16.28 -0.65
C ASP B 98 -3.07 -17.73 -0.20
N GLU B 99 -4.24 -18.23 0.19
CA GLU B 99 -4.40 -19.61 0.62
C GLU B 99 -5.31 -20.29 -0.36
N LEU B 100 -4.93 -21.49 -0.80
CA LEU B 100 -5.75 -22.26 -1.71
C LEU B 100 -6.99 -22.78 -0.98
N TRP B 101 -8.14 -22.18 -1.22
CA TRP B 101 -9.36 -22.60 -0.50
C TRP B 101 -10.01 -23.82 -1.15
N SER B 102 -10.39 -24.80 -0.34
CA SER B 102 -10.90 -26.03 -0.90
C SER B 102 -11.87 -26.73 0.02
N LEU B 103 -12.27 -27.92 -0.39
CA LEU B 103 -13.18 -28.73 0.38
C LEU B 103 -12.72 -30.18 0.44
N GLY B 104 -12.86 -30.78 1.61
CA GLY B 104 -12.61 -32.20 1.77
C GLY B 104 -11.17 -32.51 2.11
N LYS B 105 -10.77 -33.75 1.85
CA LYS B 105 -9.43 -34.20 2.15
C LYS B 105 -8.55 -34.04 0.93
N GLY B 106 -7.42 -33.37 1.11
CA GLY B 106 -6.53 -33.08 0.01
C GLY B 106 -5.84 -31.76 0.26
N GLN B 107 -5.65 -31.00 -0.81
CA GLN B 107 -4.98 -29.71 -0.71
C GLN B 107 -5.93 -28.66 -0.22
N GLY B 108 -5.38 -27.64 0.41
CA GLY B 108 -6.16 -26.49 0.78
C GLY B 108 -6.67 -26.50 2.20
N TYR B 109 -7.08 -25.32 2.66
CA TYR B 109 -7.75 -25.18 3.94
C TYR B 109 -9.23 -25.11 3.65
N SER B 110 -9.96 -26.12 4.15
CA SER B 110 -11.41 -26.20 4.02
C SER B 110 -12.06 -24.87 4.40
N LEU B 111 -12.65 -24.21 3.40
CA LEU B 111 -13.31 -22.92 3.63
C LEU B 111 -14.45 -23.08 4.60
N PHE B 112 -15.04 -24.27 4.62
CA PHE B 112 -16.14 -24.56 5.54
C PHE B 112 -15.68 -24.63 7.00
N LEU B 113 -14.66 -25.42 7.31
CA LEU B 113 -14.17 -25.46 8.68
C LEU B 113 -13.63 -24.12 9.08
N VAL B 114 -12.92 -23.49 8.15
CA VAL B 114 -12.30 -22.19 8.43
C VAL B 114 -13.37 -21.13 8.70
N ALA B 115 -14.39 -21.08 7.83
CA ALA B 115 -15.52 -20.17 8.03
C ALA B 115 -16.29 -20.39 9.34
N ALA B 116 -16.49 -21.66 9.72
CA ALA B 116 -17.23 -21.98 10.94
C ALA B 116 -16.57 -21.33 12.13
N HIS B 117 -15.27 -21.56 12.24
CA HIS B 117 -14.46 -20.94 13.25
C HIS B 117 -14.57 -19.41 13.14
N GLN B 118 -14.40 -18.90 11.92
CA GLN B 118 -14.53 -17.48 11.64
C GLN B 118 -15.87 -16.92 12.08
N PHE B 119 -16.94 -17.63 11.76
CA PHE B 119 -18.27 -17.11 12.03
C PHE B 119 -18.65 -17.18 13.50
N GLY B 120 -17.98 -18.04 14.26
CA GLY B 120 -18.16 -18.08 15.71
C GLY B 120 -17.42 -16.94 16.38
N HIS B 121 -16.37 -16.48 15.72
CA HIS B 121 -15.66 -15.29 16.16
C HIS B 121 -16.47 -14.01 15.92
N ALA B 122 -17.27 -14.01 14.87
CA ALA B 122 -18.03 -12.83 14.50
C ALA B 122 -19.27 -12.70 15.38
N LEU B 123 -19.56 -13.75 16.13
CA LEU B 123 -20.68 -13.71 17.06
C LEU B 123 -20.14 -13.42 18.44
N GLY B 124 -18.82 -13.46 18.56
CA GLY B 124 -18.15 -13.01 19.78
C GLY B 124 -17.46 -14.09 20.58
N LEU B 125 -17.23 -15.25 19.98
CA LEU B 125 -16.42 -16.26 20.65
C LEU B 125 -14.96 -15.87 20.57
N ASP B 126 -14.17 -16.35 21.52
CA ASP B 126 -12.73 -16.23 21.42
C ASP B 126 -12.21 -17.61 21.10
N HIS B 127 -10.96 -17.87 21.42
CA HIS B 127 -10.38 -19.17 21.08
C HIS B 127 -10.62 -20.17 22.18
N SER B 128 -10.58 -21.45 21.84
CA SER B 128 -10.72 -22.47 22.86
C SER B 128 -9.46 -23.27 23.18
N SER B 129 -9.23 -23.36 24.49
CA SER B 129 -8.15 -24.09 25.11
C SER B 129 -8.25 -25.59 24.90
N VAL B 130 -9.35 -26.05 24.32
CA VAL B 130 -9.62 -27.48 24.15
C VAL B 130 -9.22 -27.93 22.73
N PRO B 131 -8.07 -28.61 22.60
CA PRO B 131 -7.43 -29.00 21.32
C PRO B 131 -8.26 -29.83 20.34
N GLU B 132 -9.57 -29.93 20.56
CA GLU B 132 -10.42 -30.71 19.68
C GLU B 132 -11.63 -29.91 19.28
N ALA B 133 -11.69 -28.67 19.74
CA ALA B 133 -12.83 -27.83 19.47
C ALA B 133 -12.64 -27.06 18.18
N LEU B 134 -13.74 -26.62 17.60
CA LEU B 134 -13.72 -25.77 16.42
C LEU B 134 -12.96 -24.48 16.71
N MET B 135 -13.20 -23.94 17.90
N MET B 135 -13.19 -23.91 17.89
CA MET B 135 -12.63 -22.67 18.30
CA MET B 135 -12.59 -22.63 18.20
C MET B 135 -11.19 -22.77 18.74
C MET B 135 -11.17 -22.77 18.72
N TYR B 136 -10.63 -23.98 18.70
CA TYR B 136 -9.22 -24.16 18.95
C TYR B 136 -8.52 -23.37 17.84
N PRO B 137 -7.52 -22.54 18.20
CA PRO B 137 -6.86 -21.69 17.21
C PRO B 137 -5.84 -22.47 16.38
N MET B 138 -6.09 -23.75 16.13
CA MET B 138 -5.24 -24.52 15.24
C MET B 138 -6.07 -25.42 14.32
N TYR B 139 -5.75 -25.36 13.04
CA TYR B 139 -6.54 -26.07 12.04
C TYR B 139 -6.08 -27.50 11.89
N ARG B 140 -7.02 -28.43 12.08
CA ARG B 140 -6.83 -29.82 11.71
C ARG B 140 -8.06 -30.26 10.95
N PHE B 141 -7.86 -30.77 9.73
CA PHE B 141 -8.98 -31.23 8.91
C PHE B 141 -9.71 -32.42 9.53
N THR B 142 -11.01 -32.27 9.75
CA THR B 142 -11.85 -33.35 10.26
C THR B 142 -13.02 -33.59 9.33
N GLU B 143 -13.46 -34.84 9.23
CA GLU B 143 -14.63 -35.18 8.41
C GLU B 143 -15.80 -35.36 9.39
N GLY B 144 -15.53 -35.04 10.65
CA GLY B 144 -16.52 -35.20 11.70
C GLY B 144 -17.24 -33.91 12.04
N PRO B 145 -18.26 -34.00 12.89
CA PRO B 145 -18.98 -32.80 13.33
C PRO B 145 -18.02 -31.84 14.06
N PRO B 146 -17.93 -30.60 13.56
CA PRO B 146 -16.97 -29.60 14.04
C PRO B 146 -17.37 -28.91 15.36
N LEU B 147 -18.61 -29.13 15.80
CA LEU B 147 -19.05 -28.51 17.02
C LEU B 147 -18.84 -29.43 18.21
N HIS B 148 -18.19 -28.92 19.25
CA HIS B 148 -17.97 -29.67 20.48
C HIS B 148 -18.62 -28.91 21.63
N LYS B 149 -18.77 -29.59 22.77
CA LYS B 149 -19.46 -29.01 23.93
C LYS B 149 -18.93 -27.63 24.28
N ASP B 150 -17.61 -27.48 24.29
CA ASP B 150 -16.98 -26.21 24.61
C ASP B 150 -17.43 -25.06 23.74
N ASP B 151 -17.63 -25.35 22.46
CA ASP B 151 -18.05 -24.34 21.52
C ASP B 151 -19.51 -23.99 21.80
N VAL B 152 -20.30 -25.00 22.13
CA VAL B 152 -21.71 -24.81 22.48
C VAL B 152 -21.87 -24.20 23.87
N ASN B 153 -20.94 -24.47 24.78
CA ASN B 153 -20.92 -23.76 26.05
C ASN B 153 -20.60 -22.29 25.82
N GLY B 154 -19.77 -22.06 24.81
CA GLY B 154 -19.40 -20.72 24.38
C GLY B 154 -20.59 -19.87 24.03
N ILE B 155 -21.21 -20.11 22.88
CA ILE B 155 -22.30 -19.24 22.47
C ILE B 155 -23.56 -19.28 23.36
N ARG B 156 -23.73 -20.36 24.14
N ARG B 156 -23.73 -20.36 24.14
CA ARG B 156 -24.79 -20.40 25.14
CA ARG B 156 -24.80 -20.38 25.14
C ARG B 156 -24.51 -19.35 26.20
C ARG B 156 -24.51 -19.32 26.19
N HIS B 157 -23.26 -19.20 26.59
CA HIS B 157 -22.80 -18.14 27.41
C HIS B 157 -23.07 -16.73 26.92
N LEU B 158 -23.09 -16.55 25.59
CA LEU B 158 -23.32 -15.23 24.99
C LEU B 158 -24.80 -14.94 24.74
N TYR B 159 -25.54 -15.97 24.35
CA TYR B 159 -26.89 -15.79 23.81
C TYR B 159 -27.92 -16.74 24.43
N GLY B 160 -27.49 -17.98 24.68
CA GLY B 160 -28.35 -19.02 25.23
C GLY B 160 -28.77 -18.80 26.67
N PHE C 1 4.61 8.00 -26.81
CA PHE C 1 5.52 7.00 -26.27
C PHE C 1 6.45 6.45 -27.34
N GLU C 2 7.51 5.76 -26.91
CA GLU C 2 8.53 5.23 -27.82
C GLU C 2 8.29 3.77 -28.15
N GLY C 3 8.28 3.43 -29.43
CA GLY C 3 8.03 2.08 -29.88
C GLY C 3 6.55 1.73 -30.01
N ASP C 4 5.69 2.72 -29.78
CA ASP C 4 4.24 2.53 -29.80
C ASP C 4 3.79 1.46 -28.81
N LEU C 5 4.11 1.67 -27.53
CA LEU C 5 3.75 0.72 -26.49
C LEU C 5 2.25 0.56 -26.39
N LYS C 6 1.82 -0.69 -26.27
CA LYS C 6 0.42 -1.01 -26.11
C LYS C 6 0.33 -2.42 -25.58
N TRP C 7 -0.85 -2.78 -25.08
CA TRP C 7 -1.09 -4.13 -24.60
C TRP C 7 -1.22 -5.06 -25.80
N HIS C 8 -0.72 -6.29 -25.67
CA HIS C 8 -0.88 -7.26 -26.75
C HIS C 8 -1.82 -8.42 -26.43
N HIS C 9 -2.71 -8.18 -25.48
CA HIS C 9 -3.89 -9.01 -25.27
C HIS C 9 -5.08 -8.07 -25.02
N HIS C 10 -6.30 -8.56 -25.14
CA HIS C 10 -7.47 -7.69 -25.07
C HIS C 10 -8.17 -7.74 -23.72
N ASN C 11 -8.28 -8.93 -23.14
CA ASN C 11 -8.92 -9.07 -21.85
C ASN C 11 -7.99 -8.55 -20.78
N ILE C 12 -8.05 -7.24 -20.57
CA ILE C 12 -7.20 -6.54 -19.62
C ILE C 12 -7.85 -6.59 -18.25
N THR C 13 -7.04 -6.67 -17.20
CA THR C 13 -7.54 -6.80 -15.86
C THR C 13 -6.90 -5.76 -14.97
N TYR C 14 -7.54 -5.48 -13.82
CA TYR C 14 -7.05 -4.43 -12.93
C TYR C 14 -7.35 -4.74 -11.47
N TRP C 15 -6.51 -4.23 -10.57
CA TRP C 15 -6.69 -4.51 -9.16
C TRP C 15 -6.54 -3.23 -8.35
N ILE C 16 -7.60 -2.86 -7.64
CA ILE C 16 -7.55 -1.70 -6.74
C ILE C 16 -6.81 -2.05 -5.47
N GLN C 17 -5.49 -1.91 -5.51
CA GLN C 17 -4.62 -2.36 -4.43
C GLN C 17 -4.95 -1.78 -3.05
N ASN C 18 -5.09 -0.45 -2.97
CA ASN C 18 -5.45 0.16 -1.71
C ASN C 18 -6.30 1.41 -1.89
N TYR C 19 -6.91 1.87 -0.80
CA TYR C 19 -7.91 2.92 -0.88
C TYR C 19 -7.62 4.14 -0.02
N SER C 20 -8.04 5.30 -0.51
CA SER C 20 -8.10 6.54 0.26
C SER C 20 -9.41 6.64 1.04
N GLU C 21 -9.37 7.26 2.20
CA GLU C 21 -10.59 7.44 2.99
C GLU C 21 -11.23 8.81 2.76
N ASP C 22 -11.07 9.34 1.54
CA ASP C 22 -11.81 10.53 1.12
C ASP C 22 -13.19 10.14 0.58
N LEU C 23 -13.33 8.90 0.12
CA LEU C 23 -14.57 8.45 -0.50
C LEU C 23 -14.85 6.99 -0.16
N PRO C 24 -16.14 6.61 -0.03
CA PRO C 24 -16.47 5.19 0.21
C PRO C 24 -15.86 4.32 -0.86
N ARG C 25 -15.46 3.09 -0.52
CA ARG C 25 -14.80 2.26 -1.50
C ARG C 25 -15.71 1.99 -2.68
N ALA C 26 -17.02 1.96 -2.41
CA ALA C 26 -17.99 1.65 -3.46
C ALA C 26 -17.99 2.72 -4.53
N VAL C 27 -17.88 3.98 -4.12
CA VAL C 27 -17.82 5.06 -5.07
C VAL C 27 -16.42 5.12 -5.71
N ILE C 28 -15.44 4.55 -5.02
CA ILE C 28 -14.07 4.47 -5.55
C ILE C 28 -13.97 3.35 -6.58
N ASP C 29 -14.54 2.19 -6.25
CA ASP C 29 -14.74 1.14 -7.26
C ASP C 29 -15.43 1.72 -8.50
N ASP C 30 -16.47 2.50 -8.25
CA ASP C 30 -17.33 3.09 -9.28
C ASP C 30 -16.61 4.09 -10.20
N ALA C 31 -15.88 5.03 -9.61
CA ALA C 31 -15.12 6.00 -10.41
C ALA C 31 -14.11 5.25 -11.28
N PHE C 32 -13.36 4.36 -10.64
CA PHE C 32 -12.37 3.54 -11.32
C PHE C 32 -12.99 2.69 -12.40
N ALA C 33 -14.23 2.27 -12.19
CA ALA C 33 -14.90 1.42 -13.18
C ALA C 33 -15.38 2.26 -14.34
N ARG C 34 -16.01 3.38 -14.02
CA ARG C 34 -16.51 4.29 -15.03
C ARG C 34 -15.39 4.80 -15.93
N ALA C 35 -14.26 5.16 -15.33
CA ALA C 35 -13.09 5.64 -16.07
C ALA C 35 -12.63 4.63 -17.12
N PHE C 36 -12.78 3.36 -16.78
CA PHE C 36 -12.47 2.26 -17.67
C PHE C 36 -13.53 2.10 -18.77
N ALA C 37 -14.73 2.59 -18.51
CA ALA C 37 -15.86 2.47 -19.42
C ALA C 37 -15.79 3.39 -20.65
N LEU C 38 -15.25 4.59 -20.45
CA LEU C 38 -14.93 5.47 -21.57
C LEU C 38 -14.08 4.69 -22.54
N TRP C 39 -12.93 4.22 -22.06
CA TRP C 39 -11.97 3.56 -22.91
C TRP C 39 -12.47 2.22 -23.43
N SER C 40 -13.21 1.49 -22.60
CA SER C 40 -13.75 0.20 -23.02
C SER C 40 -14.54 0.34 -24.33
N ALA C 41 -15.41 1.33 -24.37
CA ALA C 41 -16.25 1.57 -25.56
C ALA C 41 -15.41 1.87 -26.80
N VAL C 42 -14.29 2.54 -26.62
CA VAL C 42 -13.55 3.07 -27.75
C VAL C 42 -12.34 2.22 -28.11
N THR C 43 -12.15 1.11 -27.39
CA THR C 43 -11.09 0.14 -27.67
C THR C 43 -11.65 -1.26 -27.81
N PRO C 44 -10.90 -2.16 -28.46
CA PRO C 44 -11.35 -3.56 -28.43
C PRO C 44 -10.84 -4.30 -27.20
N LEU C 45 -10.67 -3.59 -26.08
CA LEU C 45 -10.23 -4.22 -24.85
C LEU C 45 -11.40 -4.30 -23.90
N THR C 46 -11.23 -5.08 -22.83
CA THR C 46 -12.22 -5.19 -21.79
C THR C 46 -11.51 -5.09 -20.46
N PHE C 47 -12.08 -4.39 -19.49
CA PHE C 47 -11.39 -4.18 -18.22
C PHE C 47 -12.04 -4.92 -17.06
N THR C 48 -11.36 -5.96 -16.58
CA THR C 48 -11.89 -6.80 -15.51
C THR C 48 -11.16 -6.64 -14.17
N ARG C 49 -11.94 -6.36 -13.12
CA ARG C 49 -11.41 -6.20 -11.77
C ARG C 49 -11.12 -7.53 -11.08
N VAL C 50 -9.85 -7.75 -10.75
CA VAL C 50 -9.41 -8.96 -10.07
C VAL C 50 -8.64 -8.52 -8.85
N TYR C 51 -8.43 -9.44 -7.92
CA TYR C 51 -7.86 -9.09 -6.63
C TYR C 51 -6.46 -9.65 -6.43
N SER C 52 -5.77 -9.92 -7.54
CA SER C 52 -4.44 -10.51 -7.48
C SER C 52 -3.33 -9.49 -7.73
N ARG C 53 -2.12 -9.83 -7.30
CA ARG C 53 -0.94 -9.02 -7.55
C ARG C 53 -0.56 -9.05 -9.03
N ASP C 54 -1.08 -10.03 -9.77
CA ASP C 54 -0.71 -10.20 -11.16
C ASP C 54 -1.62 -9.43 -12.13
N ALA C 55 -2.50 -8.59 -11.59
CA ALA C 55 -3.37 -7.77 -12.42
C ALA C 55 -2.54 -6.84 -13.28
N ASP C 56 -2.87 -6.74 -14.57
CA ASP C 56 -2.11 -5.93 -15.52
C ASP C 56 -1.92 -4.52 -14.98
N ILE C 57 -3.01 -3.91 -14.53
CA ILE C 57 -3.03 -2.55 -14.02
C ILE C 57 -3.27 -2.55 -12.51
N VAL C 58 -2.30 -2.07 -11.74
CA VAL C 58 -2.42 -2.05 -10.29
C VAL C 58 -2.55 -0.62 -9.80
N ILE C 59 -3.61 -0.36 -9.06
CA ILE C 59 -3.99 1.00 -8.73
C ILE C 59 -3.70 1.24 -7.26
N GLN C 60 -3.08 2.37 -6.96
CA GLN C 60 -2.54 2.56 -5.64
C GLN C 60 -2.52 4.03 -5.20
N PHE C 61 -3.15 4.30 -4.07
CA PHE C 61 -3.00 5.60 -3.43
C PHE C 61 -1.76 5.56 -2.54
N GLY C 62 -0.89 6.53 -2.74
CA GLY C 62 0.36 6.57 -2.00
C GLY C 62 0.76 8.00 -1.75
N VAL C 63 1.35 8.24 -0.58
CA VAL C 63 1.75 9.57 -0.16
C VAL C 63 3.27 9.62 0.02
N ALA C 64 3.88 10.72 -0.40
CA ALA C 64 5.33 10.85 -0.42
C ALA C 64 5.93 9.66 -1.16
N GLU C 65 7.05 9.14 -0.69
N GLU C 65 7.03 9.13 -0.67
CA GLU C 65 7.63 7.93 -1.26
CA GLU C 65 7.64 7.93 -1.24
C GLU C 65 6.69 6.75 -1.09
C GLU C 65 6.67 6.75 -1.10
N HIS C 66 6.55 5.95 -2.16
CA HIS C 66 5.63 4.83 -2.14
C HIS C 66 5.99 3.71 -3.13
N GLY C 67 7.25 3.30 -3.09
CA GLY C 67 7.69 2.05 -3.70
C GLY C 67 8.05 2.03 -5.17
N ASP C 68 8.19 3.20 -5.81
CA ASP C 68 8.54 3.20 -7.23
C ASP C 68 9.57 4.25 -7.65
N GLY C 69 10.00 5.08 -6.70
CA GLY C 69 11.01 6.10 -6.95
C GLY C 69 10.50 7.33 -7.67
N TYR C 70 9.18 7.49 -7.69
CA TYR C 70 8.58 8.67 -8.28
C TYR C 70 7.61 9.23 -7.25
N PRO C 71 8.15 9.96 -6.26
CA PRO C 71 7.46 10.41 -5.04
C PRO C 71 6.34 11.40 -5.30
N PHE C 72 5.23 11.25 -4.59
CA PHE C 72 4.20 12.27 -4.61
C PHE C 72 4.55 13.40 -3.64
N ASP C 73 4.08 14.61 -3.92
CA ASP C 73 4.59 15.80 -3.25
C ASP C 73 3.62 16.55 -2.32
N GLY C 74 2.68 15.87 -1.68
CA GLY C 74 1.73 16.56 -0.82
C GLY C 74 0.66 17.29 -1.62
N LYS C 75 -0.11 18.18 -0.97
CA LYS C 75 -1.15 18.91 -1.68
C LYS C 75 -0.57 19.78 -2.80
N ASP C 76 -1.28 19.83 -3.93
CA ASP C 76 -0.87 20.53 -5.14
C ASP C 76 0.12 19.75 -5.99
N GLY C 77 0.57 20.38 -7.07
CA GLY C 77 1.58 19.83 -7.96
C GLY C 77 1.21 18.50 -8.58
N LEU C 78 2.08 17.53 -8.38
CA LEU C 78 1.85 16.19 -8.92
C LEU C 78 0.58 15.56 -8.33
N LEU C 79 -0.32 15.14 -9.21
CA LEU C 79 -1.57 14.54 -8.74
C LEU C 79 -1.52 13.02 -8.88
N ALA C 80 -1.00 12.55 -10.01
CA ALA C 80 -1.03 11.14 -10.22
C ALA C 80 -0.06 10.79 -11.32
N HIS C 81 0.36 9.57 -11.34
CA HIS C 81 0.96 9.02 -12.51
C HIS C 81 0.63 7.56 -12.85
N ALA C 82 0.98 7.16 -14.06
CA ALA C 82 0.77 5.79 -14.47
C ALA C 82 1.99 5.36 -15.27
N PHE C 83 1.91 4.22 -15.94
CA PHE C 83 3.04 3.72 -16.72
C PHE C 83 2.54 3.04 -17.97
N PRO C 84 3.21 3.27 -19.11
CA PRO C 84 2.80 2.66 -20.38
C PRO C 84 2.69 1.14 -20.23
N PRO C 85 1.86 0.50 -21.06
CA PRO C 85 1.71 -0.95 -21.00
C PRO C 85 3.06 -1.65 -20.89
N GLY C 86 3.07 -2.78 -20.21
CA GLY C 86 4.31 -3.44 -19.91
C GLY C 86 4.01 -4.39 -18.78
N PRO C 87 5.06 -4.92 -18.15
CA PRO C 87 4.92 -5.83 -17.00
C PRO C 87 5.27 -5.19 -15.69
N GLY C 88 4.72 -5.72 -14.61
CA GLY C 88 5.00 -5.20 -13.28
C GLY C 88 4.42 -3.82 -13.00
N ILE C 89 5.32 -2.89 -12.67
CA ILE C 89 4.96 -1.50 -12.43
C ILE C 89 4.36 -0.81 -13.65
N GLN C 90 4.68 -1.30 -14.84
CA GLN C 90 4.13 -0.71 -16.03
C GLN C 90 2.66 -1.11 -16.13
N GLY C 91 1.84 -0.21 -16.65
CA GLY C 91 0.42 -0.42 -16.65
C GLY C 91 -0.19 -0.02 -15.31
N ASP C 92 0.64 0.23 -14.30
CA ASP C 92 0.14 0.55 -12.97
C ASP C 92 -0.20 2.02 -12.85
N ALA C 93 -1.18 2.34 -12.01
CA ALA C 93 -1.70 3.70 -11.92
C ALA C 93 -1.72 4.21 -10.48
N HIS C 94 -0.87 5.20 -10.22
CA HIS C 94 -0.68 5.73 -8.88
C HIS C 94 -1.23 7.14 -8.74
N PHE C 95 -1.93 7.38 -7.62
CA PHE C 95 -2.59 8.66 -7.31
C PHE C 95 -2.05 9.24 -6.01
N ASP C 96 -2.13 10.56 -5.83
CA ASP C 96 -1.64 11.16 -4.60
C ASP C 96 -2.76 11.42 -3.60
N ASP C 97 -2.70 10.72 -2.49
CA ASP C 97 -3.67 10.84 -1.43
C ASP C 97 -3.66 12.19 -0.71
N ASP C 98 -2.49 12.80 -0.57
CA ASP C 98 -2.46 14.07 0.13
C ASP C 98 -3.31 15.10 -0.62
N GLU C 99 -3.75 14.72 -1.82
CA GLU C 99 -4.78 15.45 -2.55
C GLU C 99 -6.14 15.04 -2.04
N LEU C 100 -7.13 15.91 -2.20
CA LEU C 100 -8.49 15.56 -1.78
C LEU C 100 -9.30 15.13 -2.98
N TRP C 101 -9.62 13.84 -3.04
CA TRP C 101 -10.42 13.28 -4.14
C TRP C 101 -11.91 13.46 -3.90
N SER C 102 -12.67 13.60 -4.97
CA SER C 102 -14.11 13.80 -4.84
C SER C 102 -14.87 13.41 -6.09
N LEU C 103 -16.19 13.42 -5.97
CA LEU C 103 -17.12 13.28 -7.08
C LEU C 103 -17.26 14.68 -7.66
N GLY C 104 -17.98 14.82 -8.76
CA GLY C 104 -17.86 16.04 -9.53
C GLY C 104 -18.12 17.32 -8.76
N LYS C 105 -17.20 18.26 -8.96
CA LYS C 105 -17.21 19.60 -8.38
C LYS C 105 -17.23 19.70 -6.85
N GLY C 106 -16.51 18.79 -6.20
CA GLY C 106 -16.23 18.95 -4.79
C GLY C 106 -14.84 19.56 -4.71
N GLN C 107 -14.55 20.29 -3.63
CA GLN C 107 -13.24 20.91 -3.52
C GLN C 107 -12.25 19.78 -3.58
N GLY C 108 -11.07 20.00 -4.15
CA GLY C 108 -10.21 18.91 -4.48
C GLY C 108 -10.47 18.49 -5.91
N TYR C 109 -9.99 17.31 -6.28
CA TYR C 109 -10.07 16.81 -7.65
C TYR C 109 -11.04 15.63 -7.84
N SER C 110 -11.62 15.54 -9.03
CA SER C 110 -12.49 14.44 -9.42
C SER C 110 -11.66 13.16 -9.70
N LEU C 111 -11.86 12.14 -8.88
CA LEU C 111 -11.15 10.88 -9.05
C LEU C 111 -11.41 10.35 -10.44
N PHE C 112 -12.69 10.37 -10.84
CA PHE C 112 -13.12 9.84 -12.15
C PHE C 112 -12.32 10.42 -13.31
N LEU C 113 -12.32 11.73 -13.44
CA LEU C 113 -11.64 12.39 -14.53
C LEU C 113 -10.15 12.11 -14.52
N VAL C 114 -9.52 12.34 -13.37
CA VAL C 114 -8.09 12.11 -13.21
C VAL C 114 -7.72 10.65 -13.50
N ALA C 115 -8.55 9.73 -13.05
CA ALA C 115 -8.31 8.31 -13.26
C ALA C 115 -8.38 7.95 -14.73
N ALA C 116 -9.21 8.66 -15.48
CA ALA C 116 -9.37 8.36 -16.90
C ALA C 116 -8.15 8.85 -17.66
N HIS C 117 -7.52 9.89 -17.14
CA HIS C 117 -6.27 10.41 -17.66
C HIS C 117 -5.16 9.38 -17.45
N GLN C 118 -5.08 8.89 -16.21
CA GLN C 118 -4.16 7.82 -15.83
C GLN C 118 -4.30 6.60 -16.71
N PHE C 119 -5.55 6.15 -16.88
CA PHE C 119 -5.84 4.88 -17.53
C PHE C 119 -5.68 4.99 -19.03
N GLY C 120 -5.69 6.22 -19.52
CA GLY C 120 -5.33 6.49 -20.90
C GLY C 120 -3.82 6.45 -21.04
N HIS C 121 -3.11 6.97 -20.05
CA HIS C 121 -1.67 6.73 -19.99
C HIS C 121 -1.37 5.23 -19.88
N ALA C 122 -2.12 4.55 -19.00
CA ALA C 122 -1.90 3.12 -18.74
C ALA C 122 -2.23 2.20 -19.91
N LEU C 123 -2.83 2.76 -20.97
CA LEU C 123 -3.07 2.02 -22.19
C LEU C 123 -2.06 2.46 -23.23
N GLY C 124 -1.32 3.51 -22.92
CA GLY C 124 -0.21 3.94 -23.76
C GLY C 124 -0.44 5.23 -24.50
N LEU C 125 -1.21 6.14 -23.93
CA LEU C 125 -1.35 7.49 -24.49
C LEU C 125 -0.53 8.51 -23.67
N ASP C 126 0.45 9.14 -24.30
CA ASP C 126 1.15 10.21 -23.63
C ASP C 126 0.31 11.47 -23.81
N HIS C 127 0.82 12.62 -23.37
CA HIS C 127 0.05 13.84 -23.39
C HIS C 127 -0.14 14.37 -24.79
N SER C 128 -1.34 14.88 -25.04
CA SER C 128 -1.66 15.48 -26.34
C SER C 128 -1.46 16.97 -26.27
N SER C 129 -1.53 17.62 -27.42
CA SER C 129 -1.30 19.06 -27.51
C SER C 129 -2.57 19.90 -27.39
N VAL C 130 -3.74 19.29 -27.62
CA VAL C 130 -5.01 20.00 -27.57
C VAL C 130 -5.40 20.27 -26.13
N PRO C 131 -5.78 21.52 -25.81
CA PRO C 131 -6.06 21.85 -24.41
C PRO C 131 -7.24 21.08 -23.82
N GLU C 132 -8.37 21.12 -24.51
CA GLU C 132 -9.63 20.57 -23.99
C GLU C 132 -9.67 19.05 -23.95
N ALA C 133 -8.62 18.38 -24.38
CA ALA C 133 -8.69 16.93 -24.49
C ALA C 133 -8.35 16.30 -23.15
N LEU C 134 -8.86 15.08 -22.95
CA LEU C 134 -8.59 14.30 -21.76
C LEU C 134 -7.09 14.09 -21.55
N MET C 135 -6.33 13.95 -22.63
CA MET C 135 -4.90 13.68 -22.48
C MET C 135 -3.99 14.90 -22.32
N TYR C 136 -4.61 16.08 -22.36
CA TYR C 136 -3.93 17.32 -22.05
C TYR C 136 -3.42 17.15 -20.64
N PRO C 137 -2.14 17.66 -20.42
CA PRO C 137 -1.57 17.29 -19.13
C PRO C 137 -1.92 18.30 -18.06
N MET C 138 -3.03 18.98 -18.28
CA MET C 138 -3.54 20.01 -17.39
C MET C 138 -4.93 19.66 -16.87
N TYR C 139 -5.13 19.76 -15.56
CA TYR C 139 -6.41 19.41 -14.96
C TYR C 139 -7.49 20.46 -15.15
N ARG C 140 -8.53 20.09 -15.89
N ARG C 140 -8.55 20.07 -15.85
CA ARG C 140 -9.64 20.97 -16.21
CA ARG C 140 -9.63 20.97 -16.20
C ARG C 140 -10.95 20.29 -15.86
C ARG C 140 -10.97 20.33 -15.90
N PHE C 141 -11.57 20.71 -14.76
CA PHE C 141 -12.85 20.13 -14.37
C PHE C 141 -13.96 20.42 -15.38
N THR C 142 -14.86 19.45 -15.54
CA THR C 142 -16.08 19.64 -16.34
C THR C 142 -17.11 18.53 -16.11
N GLU C 143 -18.33 18.74 -16.60
CA GLU C 143 -19.36 17.70 -16.58
C GLU C 143 -19.56 17.13 -17.98
N GLY C 144 -18.86 17.69 -18.95
CA GLY C 144 -18.95 17.22 -20.32
C GLY C 144 -18.47 15.79 -20.42
N PRO C 145 -18.76 15.14 -21.54
CA PRO C 145 -18.11 13.86 -21.82
C PRO C 145 -16.60 14.08 -21.96
N PRO C 146 -15.79 13.38 -21.14
CA PRO C 146 -14.32 13.55 -21.10
C PRO C 146 -13.57 13.28 -22.41
N LEU C 147 -13.85 12.17 -23.11
CA LEU C 147 -13.20 11.92 -24.40
C LEU C 147 -13.46 13.03 -25.42
N HIS C 148 -12.41 13.42 -26.13
CA HIS C 148 -12.51 14.34 -27.26
C HIS C 148 -11.91 13.58 -28.42
N LYS C 149 -12.04 14.10 -29.64
CA LYS C 149 -11.65 13.38 -30.86
C LYS C 149 -10.22 12.86 -30.83
N ASP C 150 -9.33 13.65 -30.25
CA ASP C 150 -7.89 13.37 -30.23
C ASP C 150 -7.46 12.16 -29.36
N ASP C 151 -8.14 11.92 -28.24
CA ASP C 151 -7.81 10.78 -27.40
C ASP C 151 -8.35 9.53 -28.03
N VAL C 152 -9.43 9.69 -28.80
CA VAL C 152 -10.03 8.58 -29.51
C VAL C 152 -9.16 8.19 -30.72
N ASN C 153 -8.74 9.17 -31.51
CA ASN C 153 -7.84 8.92 -32.65
C ASN C 153 -6.54 8.26 -32.23
N GLY C 154 -6.00 8.74 -31.12
CA GLY C 154 -4.75 8.23 -30.61
C GLY C 154 -4.93 6.88 -29.98
N ILE C 155 -6.06 6.67 -29.31
CA ILE C 155 -6.47 5.35 -28.86
C ILE C 155 -6.57 4.47 -30.11
N ARG C 156 -7.23 4.99 -31.12
CA ARG C 156 -7.48 4.23 -32.34
C ARG C 156 -6.20 3.94 -33.10
N HIS C 157 -5.20 4.80 -32.96
CA HIS C 157 -3.91 4.56 -33.61
C HIS C 157 -3.22 3.32 -33.02
N LEU C 158 -3.27 3.16 -31.70
CA LEU C 158 -2.67 2.00 -31.04
C LEU C 158 -3.37 0.67 -31.34
N TYR C 159 -4.72 0.68 -31.31
CA TYR C 159 -5.52 -0.56 -31.26
C TYR C 159 -6.36 -0.84 -32.51
N GLY C 160 -6.65 0.20 -33.28
CA GLY C 160 -7.35 0.00 -34.54
C GLY C 160 -8.81 0.40 -34.57
N PHE D 1 10.99 21.85 -30.80
CA PHE D 1 9.85 22.19 -31.65
C PHE D 1 9.84 21.40 -32.95
N GLU D 2 9.16 21.94 -33.96
CA GLU D 2 9.02 21.29 -35.26
C GLU D 2 9.82 22.04 -36.33
N GLY D 3 10.83 21.38 -36.89
CA GLY D 3 11.66 21.98 -37.93
C GLY D 3 12.77 22.86 -37.39
N ASP D 4 12.98 22.78 -36.08
CA ASP D 4 13.98 23.61 -35.39
C ASP D 4 13.80 25.10 -35.68
N LEU D 5 12.79 25.69 -35.07
CA LEU D 5 12.57 27.12 -35.17
C LEU D 5 13.58 27.80 -34.27
N LYS D 6 14.35 28.69 -34.87
CA LYS D 6 15.29 29.50 -34.11
C LYS D 6 15.30 30.91 -34.65
N TRP D 7 16.02 31.76 -33.95
CA TRP D 7 16.32 33.09 -34.46
C TRP D 7 17.45 32.96 -35.45
N HIS D 8 17.41 33.75 -36.50
CA HIS D 8 18.51 33.79 -37.45
C HIS D 8 19.26 35.10 -37.45
N HIS D 9 19.35 35.71 -36.26
CA HIS D 9 20.28 36.80 -35.98
C HIS D 9 20.72 36.73 -34.52
N HIS D 10 21.70 37.56 -34.12
CA HIS D 10 22.34 37.49 -32.80
C HIS D 10 21.96 38.60 -31.82
N ASN D 11 21.40 39.67 -32.33
CA ASN D 11 21.02 40.77 -31.45
C ASN D 11 19.51 40.79 -31.28
N ILE D 12 19.05 40.08 -30.25
CA ILE D 12 17.62 39.88 -30.05
C ILE D 12 17.06 41.00 -29.19
N THR D 13 16.08 41.71 -29.71
CA THR D 13 15.50 42.83 -29.00
C THR D 13 14.25 42.42 -28.21
N TYR D 14 14.05 43.03 -27.05
CA TYR D 14 12.81 42.82 -26.30
C TYR D 14 12.12 44.10 -25.84
N TRP D 15 10.79 44.03 -25.68
CA TRP D 15 10.02 45.21 -25.26
C TRP D 15 9.03 44.90 -24.14
N ILE D 16 9.33 45.39 -22.94
CA ILE D 16 8.37 45.30 -21.84
C ILE D 16 7.17 46.18 -22.19
N GLN D 17 6.15 45.55 -22.77
CA GLN D 17 5.02 46.27 -23.35
C GLN D 17 4.13 46.95 -22.31
N ASN D 18 4.02 46.33 -21.15
CA ASN D 18 3.33 46.93 -20.01
C ASN D 18 3.80 46.25 -18.74
N TYR D 19 3.30 46.69 -17.59
CA TYR D 19 3.78 46.14 -16.33
C TYR D 19 2.67 45.55 -15.47
N SER D 20 3.01 44.53 -14.70
CA SER D 20 2.12 44.05 -13.68
C SER D 20 2.17 45.06 -12.56
N GLU D 21 1.08 45.11 -11.79
CA GLU D 21 0.97 46.03 -10.68
C GLU D 21 1.48 45.32 -9.42
N ASP D 22 1.79 44.04 -9.58
CA ASP D 22 2.12 43.18 -8.45
C ASP D 22 3.51 43.44 -7.87
N LEU D 23 4.43 43.97 -8.68
CA LEU D 23 5.77 44.33 -8.23
C LEU D 23 6.15 45.68 -8.82
N PRO D 24 7.08 46.40 -8.18
CA PRO D 24 7.63 47.64 -8.74
C PRO D 24 8.20 47.42 -10.13
N ARG D 25 8.21 48.47 -10.95
N ARG D 25 8.20 48.47 -10.94
CA ARG D 25 8.56 48.32 -12.35
CA ARG D 25 8.57 48.37 -12.36
C ARG D 25 10.01 47.92 -12.63
C ARG D 25 10.00 47.89 -12.58
N ALA D 26 10.95 48.49 -11.87
CA ALA D 26 12.37 48.14 -12.03
C ALA D 26 12.67 46.72 -11.57
N VAL D 27 11.87 46.23 -10.62
CA VAL D 27 12.03 44.88 -10.13
C VAL D 27 11.60 43.90 -11.21
N ILE D 28 10.69 44.34 -12.08
CA ILE D 28 10.17 43.51 -13.15
C ILE D 28 11.12 43.60 -14.33
N ASP D 29 11.73 44.78 -14.48
CA ASP D 29 12.78 44.98 -15.47
C ASP D 29 13.96 44.07 -15.19
N ASP D 30 14.40 44.07 -13.93
CA ASP D 30 15.57 43.32 -13.51
C ASP D 30 15.30 41.83 -13.52
N ALA D 31 14.08 41.43 -13.20
CA ALA D 31 13.77 40.00 -13.24
C ALA D 31 13.80 39.53 -14.70
N PHE D 32 13.38 40.42 -15.60
CA PHE D 32 13.46 40.13 -17.01
C PHE D 32 14.91 40.20 -17.47
N ALA D 33 15.64 41.21 -17.02
CA ALA D 33 17.06 41.33 -17.37
C ALA D 33 17.89 40.10 -16.99
N ARG D 34 17.76 39.67 -15.74
CA ARG D 34 18.48 38.48 -15.28
C ARG D 34 18.08 37.26 -16.07
N ALA D 35 16.77 37.08 -16.24
CA ALA D 35 16.20 35.93 -16.93
C ALA D 35 16.84 35.73 -18.29
N PHE D 36 17.14 36.85 -18.93
CA PHE D 36 17.82 36.87 -20.22
C PHE D 36 19.31 36.51 -20.12
N ALA D 37 19.96 37.00 -19.07
CA ALA D 37 21.39 36.85 -18.88
C ALA D 37 21.81 35.41 -18.58
N LEU D 38 20.88 34.65 -18.02
CA LEU D 38 21.06 33.22 -17.86
C LEU D 38 21.26 32.53 -19.21
N TRP D 39 20.61 33.08 -20.23
CA TRP D 39 20.54 32.46 -21.54
C TRP D 39 21.64 32.97 -22.46
N SER D 40 21.86 34.28 -22.44
CA SER D 40 22.95 34.87 -23.20
C SER D 40 24.26 34.26 -22.74
N ALA D 41 24.36 33.90 -21.46
CA ALA D 41 25.58 33.28 -20.96
C ALA D 41 25.92 31.95 -21.62
N VAL D 42 24.92 31.22 -22.12
CA VAL D 42 25.18 29.91 -22.70
C VAL D 42 24.88 29.79 -24.19
N THR D 43 24.76 30.93 -24.88
CA THR D 43 24.48 30.98 -26.33
C THR D 43 25.21 32.15 -27.01
N PRO D 44 25.28 32.13 -28.35
CA PRO D 44 25.79 33.29 -29.11
C PRO D 44 24.90 34.54 -29.08
N LEU D 45 23.66 34.42 -28.62
CA LEU D 45 22.71 35.52 -28.66
C LEU D 45 23.05 36.60 -27.67
N THR D 46 22.56 37.81 -27.93
CA THR D 46 22.71 38.94 -27.02
C THR D 46 21.35 39.60 -26.93
N PHE D 47 21.01 40.14 -25.76
CA PHE D 47 19.66 40.67 -25.58
C PHE D 47 19.69 42.15 -25.26
N THR D 48 18.87 42.92 -25.98
CA THR D 48 18.87 44.38 -25.84
C THR D 48 17.46 44.95 -25.71
N ARG D 49 17.18 45.57 -24.56
CA ARG D 49 15.86 46.14 -24.29
C ARG D 49 15.60 47.37 -25.12
N VAL D 50 14.73 47.24 -26.10
CA VAL D 50 14.35 48.39 -26.91
C VAL D 50 12.98 48.90 -26.53
N TYR D 51 12.74 50.17 -26.82
CA TYR D 51 11.44 50.75 -26.58
C TYR D 51 10.82 50.96 -27.95
N SER D 52 10.07 49.95 -28.37
CA SER D 52 9.67 49.79 -29.75
C SER D 52 8.79 48.56 -29.90
N ARG D 53 7.69 48.70 -30.63
CA ARG D 53 6.78 47.60 -30.88
C ARG D 53 7.35 46.64 -31.93
N ASP D 54 8.47 47.01 -32.51
CA ASP D 54 9.15 46.21 -33.52
C ASP D 54 10.05 45.14 -32.89
N ALA D 55 10.20 45.16 -31.57
CA ALA D 55 11.09 44.23 -30.87
C ALA D 55 10.89 42.77 -31.27
N ASP D 56 11.93 41.97 -31.12
CA ASP D 56 11.83 40.52 -31.33
C ASP D 56 10.93 39.91 -30.27
N ILE D 57 11.35 40.05 -29.03
CA ILE D 57 10.60 39.49 -27.91
C ILE D 57 9.73 40.56 -27.25
N VAL D 58 8.46 40.66 -27.62
CA VAL D 58 7.56 41.59 -26.95
C VAL D 58 7.00 40.93 -25.70
N ILE D 59 6.89 41.68 -24.61
CA ILE D 59 6.54 41.10 -23.33
C ILE D 59 5.33 41.79 -22.69
N GLN D 60 4.22 41.08 -22.55
CA GLN D 60 3.03 41.68 -21.92
C GLN D 60 2.39 40.91 -20.76
N PHE D 61 1.83 41.66 -19.81
CA PHE D 61 1.02 41.08 -18.73
C PHE D 61 -0.45 41.21 -19.13
N GLY D 62 -1.17 40.10 -19.10
CA GLY D 62 -2.53 40.06 -19.60
C GLY D 62 -3.39 38.98 -18.97
N VAL D 63 -4.68 38.98 -19.31
CA VAL D 63 -5.67 38.13 -18.65
C VAL D 63 -6.70 37.53 -19.60
N ALA D 64 -7.24 36.37 -19.23
CA ALA D 64 -8.29 35.67 -20.01
C ALA D 64 -7.95 35.48 -21.49
N GLU D 65 -8.82 35.98 -22.37
CA GLU D 65 -8.48 36.13 -23.78
C GLU D 65 -7.79 37.46 -23.86
N HIS D 66 -6.60 37.49 -24.47
CA HIS D 66 -5.85 38.74 -24.48
C HIS D 66 -5.34 39.16 -25.85
N GLY D 67 -5.64 38.35 -26.87
CA GLY D 67 -5.39 38.78 -28.24
C GLY D 67 -4.95 37.72 -29.22
N ASP D 68 -4.43 36.59 -28.73
CA ASP D 68 -3.74 35.67 -29.63
C ASP D 68 -4.46 34.34 -29.93
N GLY D 69 -5.76 34.30 -29.70
CA GLY D 69 -6.52 33.08 -29.89
C GLY D 69 -6.45 32.18 -28.67
N TYR D 70 -5.26 32.07 -28.07
CA TYR D 70 -5.00 31.19 -26.93
C TYR D 70 -5.30 31.85 -25.59
N PRO D 71 -6.49 31.63 -25.05
CA PRO D 71 -6.93 32.37 -23.87
C PRO D 71 -6.30 31.87 -22.56
N PHE D 72 -5.99 32.80 -21.67
CA PHE D 72 -5.54 32.43 -20.34
C PHE D 72 -6.76 31.90 -19.58
N ASP D 73 -6.60 31.58 -18.29
CA ASP D 73 -7.65 30.85 -17.56
C ASP D 73 -7.99 31.39 -16.17
N GLY D 74 -7.34 32.46 -15.75
CA GLY D 74 -7.60 32.99 -14.43
C GLY D 74 -6.58 32.53 -13.41
N LYS D 75 -6.89 32.72 -12.13
CA LYS D 75 -6.04 32.27 -11.03
C LYS D 75 -5.69 30.79 -11.18
N ASP D 76 -4.45 30.45 -10.85
CA ASP D 76 -3.92 29.09 -11.02
C ASP D 76 -3.91 28.68 -12.48
N GLY D 77 -3.54 27.43 -12.73
CA GLY D 77 -3.54 26.90 -14.09
C GLY D 77 -2.44 27.48 -14.96
N LEU D 78 -2.81 27.95 -16.15
CA LEU D 78 -1.86 28.55 -17.06
C LEU D 78 -1.16 29.74 -16.42
N LEU D 79 0.16 29.68 -16.32
CA LEU D 79 0.94 30.76 -15.74
C LEU D 79 1.38 31.73 -16.83
N ALA D 80 1.85 31.18 -17.95
CA ALA D 80 2.40 32.02 -18.98
C ALA D 80 2.59 31.20 -20.22
N HIS D 81 2.46 31.83 -21.37
CA HIS D 81 2.92 31.20 -22.61
C HIS D 81 3.85 32.12 -23.40
N ALA D 82 4.66 31.54 -24.28
CA ALA D 82 5.61 32.32 -25.05
C ALA D 82 5.83 31.63 -26.38
N PHE D 83 5.95 32.41 -27.44
CA PHE D 83 5.92 31.81 -28.77
C PHE D 83 7.31 31.51 -29.27
N PRO D 84 7.43 30.54 -30.18
CA PRO D 84 8.70 30.21 -30.83
C PRO D 84 9.30 31.41 -31.54
N PRO D 85 10.59 31.32 -31.88
CA PRO D 85 11.20 32.36 -32.70
C PRO D 85 10.42 32.51 -33.99
N GLY D 86 10.38 33.73 -34.51
CA GLY D 86 9.58 34.03 -35.68
C GLY D 86 9.18 35.49 -35.61
N PRO D 87 8.57 36.01 -36.68
CA PRO D 87 8.17 37.42 -36.74
C PRO D 87 6.81 37.61 -36.11
N GLY D 88 6.51 38.80 -35.63
CA GLY D 88 5.19 39.08 -35.10
C GLY D 88 5.01 38.49 -33.72
N ILE D 89 3.85 37.86 -33.48
CA ILE D 89 3.53 37.30 -32.16
C ILE D 89 4.49 36.18 -31.78
N GLN D 90 5.17 35.61 -32.77
CA GLN D 90 6.18 34.62 -32.48
C GLN D 90 7.38 35.28 -31.78
N GLY D 91 7.97 34.56 -30.84
CA GLY D 91 9.08 35.08 -30.07
C GLY D 91 8.62 35.97 -28.92
N ASP D 92 7.31 36.09 -28.74
CA ASP D 92 6.78 36.99 -27.70
C ASP D 92 6.41 36.17 -26.48
N ALA D 93 6.37 36.81 -25.31
CA ALA D 93 6.18 36.08 -24.07
C ALA D 93 5.08 36.71 -23.23
N HIS D 94 4.05 35.92 -22.93
CA HIS D 94 2.86 36.42 -22.25
C HIS D 94 2.76 35.89 -20.83
N PHE D 95 2.40 36.79 -19.90
CA PHE D 95 2.36 36.48 -18.47
C PHE D 95 0.97 36.66 -17.91
N ASP D 96 0.43 35.60 -17.29
CA ASP D 96 -0.93 35.62 -16.76
C ASP D 96 -1.03 36.54 -15.55
N ASP D 97 -1.83 37.61 -15.69
CA ASP D 97 -1.92 38.66 -14.69
C ASP D 97 -2.94 38.32 -13.62
N ASP D 98 -3.62 37.18 -13.78
CA ASP D 98 -4.50 36.71 -12.73
C ASP D 98 -3.73 36.00 -11.62
N GLU D 99 -2.44 35.81 -11.87
CA GLU D 99 -1.53 35.22 -10.88
C GLU D 99 -0.98 36.30 -9.97
N LEU D 100 -0.36 35.88 -8.87
CA LEU D 100 0.42 36.79 -8.06
C LEU D 100 1.89 36.65 -8.41
N TRP D 101 2.46 37.68 -9.03
CA TRP D 101 3.87 37.69 -9.41
C TRP D 101 4.72 38.22 -8.28
N SER D 102 5.84 37.55 -8.04
CA SER D 102 6.73 37.90 -6.97
C SER D 102 8.10 37.32 -7.28
N LEU D 103 8.98 37.41 -6.28
CA LEU D 103 10.28 36.77 -6.31
C LEU D 103 10.56 36.33 -4.90
N GLY D 104 11.28 35.23 -4.73
CA GLY D 104 11.59 34.74 -3.40
C GLY D 104 10.58 33.71 -2.94
N LYS D 105 10.98 32.91 -1.95
CA LYS D 105 10.09 31.91 -1.39
C LYS D 105 8.86 32.58 -0.79
N GLY D 106 7.70 32.00 -1.05
CA GLY D 106 6.47 32.52 -0.47
C GLY D 106 5.32 32.54 -1.46
N GLN D 107 4.45 33.54 -1.28
CA GLN D 107 3.29 33.73 -2.14
C GLN D 107 3.63 33.77 -3.62
N GLY D 108 2.67 33.37 -4.43
CA GLY D 108 2.74 33.58 -5.87
C GLY D 108 3.78 32.77 -6.59
N TYR D 109 4.17 33.29 -7.75
CA TYR D 109 5.15 32.64 -8.59
C TYR D 109 6.33 33.57 -8.83
N SER D 110 7.53 33.01 -8.89
CA SER D 110 8.72 33.77 -9.23
C SER D 110 8.63 34.29 -10.66
N LEU D 111 8.60 35.62 -10.82
CA LEU D 111 8.64 36.18 -12.17
C LEU D 111 9.98 35.85 -12.82
N PHE D 112 11.05 35.82 -12.03
CA PHE D 112 12.37 35.45 -12.53
C PHE D 112 12.47 33.99 -13.01
N LEU D 113 11.84 33.06 -12.29
CA LEU D 113 11.86 31.67 -12.73
C LEU D 113 11.02 31.45 -13.98
N VAL D 114 9.79 31.96 -13.98
CA VAL D 114 8.86 31.69 -15.09
C VAL D 114 9.28 32.39 -16.39
N ALA D 115 9.84 33.61 -16.25
CA ALA D 115 10.31 34.36 -17.41
C ALA D 115 11.39 33.59 -18.20
N ALA D 116 12.36 33.04 -17.48
CA ALA D 116 13.42 32.24 -18.09
C ALA D 116 12.84 31.04 -18.81
N HIS D 117 11.88 30.38 -18.17
CA HIS D 117 11.16 29.30 -18.83
C HIS D 117 10.48 29.77 -20.12
N GLN D 118 9.71 30.85 -20.05
CA GLN D 118 9.10 31.40 -21.26
C GLN D 118 10.15 31.76 -22.31
N PHE D 119 11.24 32.38 -21.86
CA PHE D 119 12.31 32.81 -22.76
C PHE D 119 12.98 31.65 -23.49
N GLY D 120 13.08 30.50 -22.84
CA GLY D 120 13.61 29.31 -23.47
C GLY D 120 12.73 28.91 -24.63
N HIS D 121 11.42 29.07 -24.44
CA HIS D 121 10.47 28.85 -25.52
C HIS D 121 10.67 29.92 -26.59
N ALA D 122 10.69 31.18 -26.17
CA ALA D 122 10.99 32.29 -27.06
C ALA D 122 12.38 32.23 -27.72
N LEU D 123 13.20 31.24 -27.35
CA LEU D 123 14.44 30.99 -28.06
C LEU D 123 14.33 29.75 -28.92
N GLY D 124 13.25 29.00 -28.73
CA GLY D 124 13.03 27.78 -29.49
C GLY D 124 13.01 26.49 -28.68
N LEU D 125 12.98 26.59 -27.35
CA LEU D 125 12.99 25.38 -26.52
C LEU D 125 11.62 24.75 -26.27
N ASP D 126 11.53 23.46 -26.61
CA ASP D 126 10.38 22.66 -26.31
C ASP D 126 10.57 22.20 -24.88
N HIS D 127 9.67 21.42 -24.37
CA HIS D 127 9.72 20.97 -22.99
C HIS D 127 10.79 19.93 -22.69
N SER D 128 11.27 19.93 -21.45
CA SER D 128 12.22 18.92 -20.99
C SER D 128 11.53 17.78 -20.24
N SER D 129 12.22 16.64 -20.15
CA SER D 129 11.72 15.47 -19.43
C SER D 129 12.40 15.18 -18.08
N VAL D 130 13.59 15.73 -17.86
CA VAL D 130 14.12 15.69 -16.50
C VAL D 130 13.27 16.65 -15.69
N PRO D 131 12.66 16.16 -14.60
CA PRO D 131 11.80 16.99 -13.74
C PRO D 131 12.51 18.17 -13.07
N GLU D 132 13.83 18.25 -13.18
CA GLU D 132 14.60 19.27 -12.49
C GLU D 132 15.07 20.38 -13.43
N ALA D 133 15.03 20.10 -14.73
CA ALA D 133 15.40 21.09 -15.71
C ALA D 133 14.41 22.24 -15.69
N LEU D 134 14.91 23.41 -16.07
CA LEU D 134 14.10 24.61 -16.13
C LEU D 134 12.99 24.50 -17.18
N MET D 135 13.24 23.73 -18.23
N MET D 135 13.24 23.72 -18.22
CA MET D 135 12.25 23.56 -19.30
CA MET D 135 12.24 23.55 -19.28
C MET D 135 11.18 22.53 -18.98
C MET D 135 11.40 22.31 -19.08
N TYR D 136 11.34 21.83 -17.85
CA TYR D 136 10.28 20.92 -17.42
C TYR D 136 9.01 21.72 -17.19
N PRO D 137 7.84 21.17 -17.75
CA PRO D 137 6.65 22.02 -17.55
C PRO D 137 5.95 21.77 -16.23
N MET D 138 6.61 22.08 -15.13
CA MET D 138 6.02 21.96 -13.82
C MET D 138 6.69 22.97 -12.90
N TYR D 139 5.97 24.01 -12.51
CA TYR D 139 6.59 25.03 -11.69
C TYR D 139 6.91 24.53 -10.30
N ARG D 140 8.10 24.92 -9.82
CA ARG D 140 8.47 24.76 -8.42
C ARG D 140 9.44 25.87 -8.07
N PHE D 141 9.34 26.42 -6.87
CA PHE D 141 10.32 27.43 -6.47
C PHE D 141 11.62 26.84 -5.95
N THR D 142 12.74 27.40 -6.38
CA THR D 142 14.06 27.01 -5.88
C THR D 142 14.96 28.21 -5.71
N GLU D 143 16.00 28.04 -4.89
CA GLU D 143 17.05 29.04 -4.78
C GLU D 143 18.22 28.59 -5.67
N GLY D 144 18.17 27.32 -6.10
CA GLY D 144 19.18 26.76 -6.99
C GLY D 144 19.20 27.40 -8.36
N PRO D 145 20.40 27.56 -8.94
CA PRO D 145 20.60 28.24 -10.22
C PRO D 145 19.94 27.46 -11.35
N PRO D 146 19.05 28.14 -12.11
CA PRO D 146 17.94 27.55 -12.89
C PRO D 146 18.32 26.52 -13.95
N LEU D 147 19.31 26.83 -14.78
CA LEU D 147 19.62 25.95 -15.89
C LEU D 147 20.18 24.62 -15.42
N HIS D 148 19.98 23.60 -16.23
CA HIS D 148 20.55 22.29 -15.98
C HIS D 148 20.99 21.74 -17.33
N LYS D 149 21.71 20.62 -17.32
CA LYS D 149 22.34 20.08 -18.53
C LYS D 149 21.38 19.91 -19.71
N ASP D 150 20.12 19.57 -19.42
CA ASP D 150 19.14 19.35 -20.48
C ASP D 150 18.78 20.64 -21.21
N ASP D 151 18.63 21.72 -20.45
CA ASP D 151 18.31 23.03 -21.01
C ASP D 151 19.45 23.57 -21.83
N VAL D 152 20.65 23.36 -21.34
CA VAL D 152 21.85 23.81 -22.02
C VAL D 152 22.06 23.04 -23.32
N ASN D 153 22.01 21.71 -23.25
CA ASN D 153 22.16 20.89 -24.44
C ASN D 153 21.18 21.21 -25.54
N GLY D 154 19.92 21.40 -25.16
CA GLY D 154 18.88 21.70 -26.13
C GLY D 154 19.06 23.08 -26.69
N ILE D 155 19.81 23.93 -26.00
CA ILE D 155 20.07 25.25 -26.56
C ILE D 155 21.34 25.29 -27.40
N ARG D 156 22.24 24.34 -27.16
N ARG D 156 22.24 24.34 -27.18
CA ARG D 156 23.45 24.18 -27.96
CA ARG D 156 23.43 24.22 -28.01
C ARG D 156 23.10 23.44 -29.25
C ARG D 156 23.10 23.43 -29.26
N HIS D 157 22.01 22.69 -29.20
CA HIS D 157 21.51 21.98 -30.38
C HIS D 157 21.09 22.98 -31.45
N LEU D 158 20.57 24.13 -31.00
CA LEU D 158 20.01 25.14 -31.89
C LEU D 158 21.00 26.21 -32.29
N TYR D 159 21.68 26.82 -31.31
CA TYR D 159 22.51 27.99 -31.56
C TYR D 159 24.00 27.73 -31.49
N GLY D 160 24.40 26.45 -31.49
CA GLY D 160 25.78 26.09 -31.24
C GLY D 160 26.47 25.28 -32.33
#